data_5APM
#
_entry.id   5APM
#
_cell.length_a   1.000
_cell.length_b   1.000
_cell.length_c   1.000
_cell.angle_alpha   90.00
_cell.angle_beta   90.00
_cell.angle_gamma   90.00
#
_symmetry.space_group_name_H-M   'P 1'
#
loop_
_entity.id
_entity.type
_entity.pdbx_description
1 polymer VP1
2 polymer VP3
3 polymer VP0
#
loop_
_entity_poly.entity_id
_entity_poly.type
_entity_poly.pdbx_seq_one_letter_code
_entity_poly.pdbx_strand_id
1 'polypeptide(L)'
;QSISPNELGLTSAQDDGPLGNEKPNYFLNFRTMNVDIFTVSHTKVDNIFGRAWYVASHDFNNGDTWRQKLTFPKEGHGML
SQFFAYFTGEINIHILYMAEQGFLRVAHTYDTEDNRKTFLSSNGVITIPAGEQMTLSVPFYSNKPLRTVRHDSALGFLMC
RPMMHGTTRTTAEVYISLRCPNFFFPVPAPKPTGSRAA
;
A
2 'polypeptide(L)'
;TKYKWTRTKVDIAEGPGTMNMANVLSTTGAQSVALVGERAFYDPRTAGSKSRFDDMIKIAQLFSVMSDNTTPSSSSGIDK
YGYFDWAATVAPQNMVHRNVVTLDQFPNLNLFMNTYSYFRGSLIIRLSIYASTFNRGRLRMGFFPNCTHDTQLELDNAIY
TICDIGSDNSFELTIPYSFSTWMRKTHGHQLGLFQVEVLNRLTYNSSSPNKVHCIVQGRLGDDAKFFCPTGSLVSFQ
;
B
3 'polypeptide(L)'
;LSNVETEANNIISGNEVGGEIITKVADDASNLLGPNSFATTAQPENKDVVQATTTVNTTNLTQHPSAPTIPFTPDFRNVD
NFHSMAYDITTGDKNPSKLIRLDTASWQTSYSRQYKITTVELPKSFWDDTRKPAYGQAKYFAAVRCGFHFQVQVNVNQGT
AGSALVVYEPKPVIDSRQYLEFGSLTNLPHVLMNLAETTQADLCIPYVADTNYVKTDSSDLGQLRVYVWTPLSVPTGASN
EVDVTVMGSLLQLDFQNPRPYGE
;
C
#
# COMPACT_ATOMS: atom_id res chain seq x y z
N GLN A 1 -5.42 30.52 3.54
CA GLN A 1 -5.44 30.12 2.15
C GLN A 1 -4.05 29.75 1.67
N SER A 2 -3.11 29.75 2.61
CA SER A 2 -1.71 29.44 2.35
C SER A 2 -1.30 28.13 3.03
N ILE A 3 -2.25 27.22 3.18
CA ILE A 3 -2.00 25.91 3.79
C ILE A 3 -1.36 25.95 5.17
N SER A 4 -1.33 24.79 5.82
CA SER A 4 -0.74 24.63 7.13
C SER A 4 -0.45 23.16 7.39
N PRO A 5 0.89 22.79 7.35
CA PRO A 5 1.14 21.36 7.59
C PRO A 5 0.51 20.89 8.89
N ASN A 6 0.40 19.58 9.08
CA ASN A 6 -0.19 19.03 10.29
C ASN A 6 -1.53 19.74 10.53
N GLU A 7 -2.30 19.89 9.46
CA GLU A 7 -3.57 20.59 9.55
C GLU A 7 -4.46 19.83 8.59
N LEU A 8 -5.64 20.35 8.26
CA LEU A 8 -6.57 19.56 7.47
C LEU A 8 -6.03 19.34 6.03
N GLY A 9 -6.73 18.54 5.22
CA GLY A 9 -7.60 17.48 5.69
C GLY A 9 -7.17 16.03 5.46
N LEU A 10 -6.21 15.81 4.59
CA LEU A 10 -6.04 14.52 3.92
C LEU A 10 -4.83 14.51 3.01
N THR A 11 -4.58 13.39 2.35
CA THR A 11 -3.60 13.41 1.26
C THR A 11 -4.36 13.54 -0.05
N SER A 12 -4.43 14.76 -0.57
CA SER A 12 -5.24 15.15 -1.71
C SER A 12 -4.44 16.09 -2.60
N ALA A 13 -3.94 17.15 -1.98
CA ALA A 13 -3.61 18.47 -2.50
C ALA A 13 -4.82 19.24 -3.00
N GLN A 14 -4.65 20.03 -4.05
CA GLN A 14 -5.50 21.20 -4.25
C GLN A 14 -5.44 21.72 -5.69
N ASP A 15 -6.03 22.89 -5.91
CA ASP A 15 -5.79 23.69 -7.10
C ASP A 15 -4.58 24.60 -6.92
N ASP A 16 -4.04 24.67 -5.70
CA ASP A 16 -2.90 25.49 -5.33
C ASP A 16 -3.15 26.96 -5.62
N GLY A 17 -4.42 27.32 -5.74
CA GLY A 17 -4.85 28.70 -5.77
C GLY A 17 -4.65 29.27 -7.16
N PRO A 18 -5.57 30.11 -7.61
CA PRO A 18 -5.33 30.84 -8.86
C PRO A 18 -4.76 32.22 -8.61
N LEU A 19 -3.52 32.28 -8.14
CA LEU A 19 -2.81 33.54 -7.96
C LEU A 19 -2.21 33.81 -9.35
N GLY A 20 -1.49 34.90 -9.66
CA GLY A 20 -1.03 35.96 -8.79
C GLY A 20 -2.12 36.73 -8.10
N ASN A 21 -3.06 37.36 -8.80
CA ASN A 21 -3.07 37.88 -10.18
C ASN A 21 -2.67 36.99 -11.37
N GLU A 22 -2.00 37.55 -12.37
CA GLU A 22 -2.06 36.99 -13.72
C GLU A 22 -0.78 36.26 -14.16
N LYS A 23 0.38 36.90 -14.30
CA LYS A 23 0.67 38.33 -14.30
C LYS A 23 1.87 38.64 -15.23
N PRO A 24 1.78 38.40 -16.55
CA PRO A 24 0.94 37.56 -17.42
C PRO A 24 1.27 36.05 -17.37
N ASN A 25 2.51 35.68 -17.04
CA ASN A 25 2.84 34.27 -16.84
C ASN A 25 2.00 33.68 -15.69
N TYR A 26 2.19 34.01 -14.39
CA TYR A 26 3.30 34.66 -13.65
C TYR A 26 3.22 33.84 -12.40
N PHE A 27 2.01 33.34 -12.24
CA PHE A 27 1.58 32.53 -11.14
C PHE A 27 0.65 31.46 -11.68
N LEU A 28 -0.25 31.83 -12.59
CA LEU A 28 -1.17 30.84 -13.12
C LEU A 28 -1.63 30.95 -14.57
N ASN A 29 -2.90 30.59 -14.76
CA ASN A 29 -3.54 30.53 -16.07
C ASN A 29 -2.74 29.55 -16.92
N PHE A 30 -2.56 28.34 -16.41
CA PHE A 30 -1.61 27.30 -16.80
C PHE A 30 -2.12 26.32 -17.83
N ARG A 31 -3.28 26.59 -18.44
CA ARG A 31 -4.14 25.54 -18.97
C ARG A 31 -3.37 24.49 -19.76
N THR A 32 -3.67 23.23 -19.46
CA THR A 32 -3.09 22.09 -20.14
C THR A 32 -3.37 22.17 -21.63
N MET A 33 -2.35 21.93 -22.44
CA MET A 33 -2.56 21.77 -23.88
C MET A 33 -1.86 20.48 -24.28
N ASN A 34 -2.63 19.48 -24.67
CA ASN A 34 -2.03 18.20 -25.01
C ASN A 34 -1.29 18.33 -26.33
N VAL A 35 0.02 18.07 -26.29
CA VAL A 35 0.83 18.18 -27.48
C VAL A 35 0.73 16.94 -28.34
N ASP A 36 0.79 15.76 -27.74
CA ASP A 36 0.84 14.52 -28.51
C ASP A 36 -0.53 14.20 -29.07
N ILE A 37 -0.68 13.01 -29.65
CA ILE A 37 -1.71 12.75 -30.67
C ILE A 37 -3.22 12.67 -30.36
N PHE A 38 -3.70 12.45 -29.14
CA PHE A 38 -2.94 12.30 -27.93
C PHE A 38 -3.15 10.90 -27.40
N THR A 39 -2.05 10.18 -27.22
CA THR A 39 -2.13 8.95 -26.45
C THR A 39 -2.14 9.27 -24.97
N VAL A 40 -1.37 10.27 -24.56
CA VAL A 40 -1.42 10.97 -23.28
C VAL A 40 -1.09 10.02 -22.14
N SER A 41 -1.09 8.73 -22.42
CA SER A 41 -0.79 7.73 -21.41
C SER A 41 0.67 7.76 -21.00
N HIS A 42 1.51 8.45 -21.77
CA HIS A 42 2.90 8.61 -21.39
C HIS A 42 3.03 9.08 -19.95
N THR A 43 1.99 9.74 -19.45
CA THR A 43 1.98 10.15 -18.06
C THR A 43 1.20 9.07 -17.31
N LYS A 44 0.24 8.47 -18.02
CA LYS A 44 -0.64 7.43 -17.45
C LYS A 44 0.02 6.07 -17.27
N VAL A 45 -0.63 5.22 -16.48
CA VAL A 45 -0.14 3.87 -16.22
C VAL A 45 -0.49 3.00 -17.40
N ASP A 46 -0.47 1.69 -17.19
CA ASP A 46 -0.79 0.75 -18.24
C ASP A 46 0.25 0.83 -19.36
N ASN A 47 0.02 1.74 -20.29
CA ASN A 47 0.93 1.87 -21.42
C ASN A 47 2.38 1.57 -21.01
N ILE A 48 2.92 2.35 -20.09
CA ILE A 48 4.35 2.29 -19.80
C ILE A 48 4.77 0.88 -19.45
N PHE A 49 4.06 0.24 -18.51
CA PHE A 49 4.38 -1.15 -18.26
C PHE A 49 4.08 -1.99 -19.48
N GLY A 50 3.20 -1.50 -20.33
CA GLY A 50 2.92 -2.16 -21.58
C GLY A 50 4.17 -2.32 -22.41
N ARG A 51 5.08 -1.36 -22.35
CA ARG A 51 6.32 -1.53 -23.10
C ARG A 51 7.15 -2.60 -22.43
N ALA A 52 8.22 -3.02 -23.08
CA ALA A 52 9.05 -4.07 -22.49
C ALA A 52 10.51 -3.83 -22.75
N TRP A 53 11.34 -4.72 -22.21
CA TRP A 53 12.78 -4.64 -22.37
C TRP A 53 13.37 -5.50 -21.27
N TYR A 54 13.59 -4.90 -20.12
CA TYR A 54 14.11 -5.58 -18.97
C TYR A 54 15.41 -6.37 -19.08
N VAL A 55 15.41 -7.43 -18.30
CA VAL A 55 16.54 -8.32 -18.03
C VAL A 55 17.04 -8.84 -19.36
N ALA A 56 18.32 -8.68 -19.62
CA ALA A 56 18.97 -9.38 -20.72
C ALA A 56 19.98 -10.30 -20.03
N SER A 57 19.66 -11.59 -20.00
CA SER A 57 20.31 -12.49 -19.06
C SER A 57 20.18 -13.94 -19.51
N HIS A 58 20.50 -14.82 -18.57
CA HIS A 58 20.34 -16.25 -18.68
C HIS A 58 21.16 -16.77 -19.86
N ASP A 59 22.48 -16.73 -19.72
CA ASP A 59 23.31 -17.44 -20.67
C ASP A 59 23.14 -18.92 -20.39
N PHE A 60 23.74 -19.75 -21.23
CA PHE A 60 23.49 -21.17 -21.14
C PHE A 60 24.77 -21.96 -21.35
N ASN A 61 25.14 -22.80 -20.39
CA ASN A 61 26.16 -23.80 -20.66
C ASN A 61 25.46 -25.04 -21.17
N ASN A 62 26.03 -25.68 -22.18
CA ASN A 62 25.32 -26.76 -22.85
C ASN A 62 25.02 -27.90 -21.91
N GLY A 63 26.04 -28.46 -21.28
CA GLY A 63 25.85 -29.58 -20.40
C GLY A 63 25.03 -29.19 -19.19
N ASP A 64 23.94 -29.92 -18.97
CA ASP A 64 23.48 -30.95 -19.88
C ASP A 64 22.12 -30.53 -20.41
N THR A 65 21.14 -30.66 -19.53
CA THR A 65 19.80 -30.12 -19.69
C THR A 65 19.13 -30.16 -18.33
N TRP A 66 17.81 -30.11 -18.31
CA TRP A 66 17.07 -30.17 -17.06
C TRP A 66 16.41 -28.83 -16.80
N ARG A 67 17.21 -27.92 -16.28
CA ARG A 67 16.75 -26.58 -15.97
C ARG A 67 17.98 -25.61 -16.06
N GLN A 68 18.49 -24.96 -15.01
CA GLN A 68 18.00 -24.95 -13.64
C GLN A 68 16.79 -24.05 -13.69
N LYS A 69 15.84 -24.19 -12.77
CA LYS A 69 14.69 -23.32 -12.88
C LYS A 69 15.26 -21.98 -12.49
N LEU A 70 14.85 -20.90 -13.14
CA LEU A 70 15.46 -19.65 -12.76
C LEU A 70 14.39 -18.80 -12.10
N THR A 71 14.79 -17.96 -11.14
CA THR A 71 13.84 -17.14 -10.40
C THR A 71 13.73 -15.81 -11.12
N PHE A 72 12.58 -15.55 -11.73
CA PHE A 72 12.40 -14.25 -12.35
C PHE A 72 12.11 -13.27 -11.23
N PRO A 73 12.95 -12.30 -10.99
CA PRO A 73 12.71 -11.35 -9.90
C PRO A 73 11.60 -10.36 -10.20
N LYS A 74 11.30 -10.21 -11.49
CA LYS A 74 10.37 -9.22 -12.02
C LYS A 74 10.98 -7.83 -11.89
N GLU A 75 11.86 -7.68 -10.92
CA GLU A 75 12.82 -6.62 -10.88
C GLU A 75 13.96 -7.08 -9.97
N GLY A 76 15.21 -6.80 -10.35
CA GLY A 76 15.56 -6.11 -11.57
C GLY A 76 15.26 -4.63 -11.54
N HIS A 77 14.59 -4.14 -12.58
CA HIS A 77 14.13 -4.98 -13.66
C HIS A 77 15.02 -4.99 -14.94
N GLY A 78 16.20 -4.37 -15.02
CA GLY A 78 16.78 -3.33 -14.17
C GLY A 78 16.91 -1.99 -14.88
N MET A 79 16.36 -1.93 -16.09
CA MET A 79 16.59 -0.78 -16.98
C MET A 79 15.54 0.30 -16.78
N LEU A 80 14.27 -0.01 -17.08
CA LEU A 80 13.16 0.91 -16.86
C LEU A 80 12.71 0.88 -15.40
N SER A 81 13.44 0.17 -14.54
CA SER A 81 13.04 -0.14 -13.17
C SER A 81 12.77 1.07 -12.31
N GLN A 82 13.09 2.27 -12.77
CA GLN A 82 13.03 3.44 -11.91
C GLN A 82 11.63 3.65 -11.32
N PHE A 83 10.69 2.92 -11.90
CA PHE A 83 9.25 2.96 -11.67
C PHE A 83 8.61 1.89 -10.77
N PHE A 84 8.17 2.27 -9.56
CA PHE A 84 7.47 1.36 -8.61
C PHE A 84 7.42 1.66 -7.10
N ALA A 85 6.67 0.78 -6.45
CA ALA A 85 6.47 0.63 -5.02
C ALA A 85 5.76 -0.70 -4.77
N TYR A 86 4.64 -0.87 -5.46
CA TYR A 86 3.44 -1.67 -5.21
C TYR A 86 3.59 -3.16 -5.44
N PHE A 87 2.45 -3.90 -5.45
CA PHE A 87 2.40 -5.34 -5.73
C PHE A 87 1.28 -5.73 -6.69
N THR A 88 1.62 -6.47 -7.77
CA THR A 88 0.80 -7.44 -8.52
C THR A 88 1.03 -7.52 -10.03
N GLY A 89 0.02 -7.97 -10.76
CA GLY A 89 -0.01 -8.02 -12.21
C GLY A 89 -0.02 -9.44 -12.77
N GLU A 90 -0.43 -9.50 -14.03
CA GLU A 90 -0.57 -10.72 -14.82
C GLU A 90 0.26 -10.62 -16.10
N ILE A 91 1.51 -11.00 -15.98
CA ILE A 91 2.53 -10.97 -17.02
C ILE A 91 2.19 -11.20 -18.50
N ASN A 92 3.27 -11.03 -19.27
CA ASN A 92 3.45 -11.23 -20.69
C ASN A 92 4.93 -11.51 -20.93
N ILE A 93 5.27 -12.74 -21.32
CA ILE A 93 6.68 -13.13 -21.39
C ILE A 93 7.13 -13.16 -22.84
N HIS A 94 8.38 -12.76 -23.06
CA HIS A 94 9.02 -12.82 -24.36
C HIS A 94 10.24 -13.71 -24.26
N ILE A 95 10.32 -14.72 -25.12
CA ILE A 95 11.43 -15.67 -25.07
C ILE A 95 12.17 -15.69 -26.40
N LEU A 96 13.50 -15.75 -26.34
CA LEU A 96 14.30 -15.77 -27.56
C LEU A 96 15.39 -16.82 -27.44
N TYR A 97 15.77 -17.43 -28.56
CA TYR A 97 16.73 -18.53 -28.55
C TYR A 97 17.73 -18.41 -29.68
N MET A 98 19.01 -18.25 -29.33
CA MET A 98 20.10 -18.18 -30.31
C MET A 98 20.90 -19.46 -30.22
N ALA A 99 20.73 -20.35 -31.19
CA ALA A 99 21.45 -21.62 -31.14
C ALA A 99 21.76 -22.18 -32.52
N GLU A 100 22.14 -23.46 -32.53
CA GLU A 100 22.48 -24.19 -33.75
C GLU A 100 21.62 -23.79 -34.92
N GLN A 101 22.27 -23.62 -36.07
CA GLN A 101 21.58 -23.23 -37.29
C GLN A 101 20.33 -24.09 -37.48
N GLY A 102 19.20 -23.59 -37.02
CA GLY A 102 17.95 -24.34 -37.16
C GLY A 102 18.02 -25.80 -36.76
N PHE A 103 18.94 -26.17 -35.88
CA PHE A 103 19.04 -27.59 -35.53
C PHE A 103 17.99 -28.00 -34.51
N LEU A 104 17.80 -27.22 -33.45
CA LEU A 104 17.27 -27.78 -32.22
C LEU A 104 15.98 -27.05 -31.81
N ARG A 105 15.39 -27.52 -30.70
CA ARG A 105 14.15 -26.98 -30.17
C ARG A 105 14.34 -26.60 -28.71
N VAL A 106 13.43 -25.79 -28.19
CA VAL A 106 13.47 -25.37 -26.79
C VAL A 106 12.07 -25.47 -26.21
N ALA A 107 11.93 -26.18 -25.09
CA ALA A 107 10.64 -26.31 -24.43
C ALA A 107 10.64 -25.43 -23.18
N HIS A 108 9.53 -24.72 -22.94
CA HIS A 108 9.52 -23.83 -21.78
C HIS A 108 8.13 -23.62 -21.20
N THR A 109 8.07 -23.36 -19.87
CA THR A 109 6.81 -23.06 -19.16
C THR A 109 7.03 -22.72 -17.67
N TYR A 110 5.98 -22.20 -17.01
CA TYR A 110 5.99 -21.80 -15.58
C TYR A 110 4.54 -21.63 -15.05
N ASP A 111 4.21 -21.57 -13.74
CA ASP A 111 5.03 -21.61 -12.51
C ASP A 111 4.56 -20.44 -11.58
N THR A 112 4.30 -20.59 -10.25
CA THR A 112 4.40 -21.77 -9.35
C THR A 112 5.75 -22.46 -9.31
N GLU A 113 6.19 -23.10 -8.22
CA GLU A 113 5.63 -23.32 -6.87
C GLU A 113 6.76 -23.55 -5.85
N ASP A 114 7.23 -24.78 -5.79
CA ASP A 114 8.42 -25.14 -5.03
C ASP A 114 9.30 -26.10 -5.82
N ASN A 115 8.83 -27.32 -5.99
CA ASN A 115 9.64 -28.37 -6.63
C ASN A 115 8.71 -29.47 -7.11
N ARG A 116 9.30 -30.50 -7.71
CA ARG A 116 8.64 -31.50 -8.52
C ARG A 116 9.65 -32.61 -8.77
N LYS A 117 9.36 -33.54 -9.66
CA LYS A 117 10.37 -34.55 -10.02
C LYS A 117 11.13 -34.16 -11.32
N THR A 118 10.54 -34.06 -12.52
CA THR A 118 9.24 -34.57 -12.99
C THR A 118 9.15 -34.49 -14.50
N PHE A 119 7.98 -34.89 -15.03
CA PHE A 119 7.59 -34.50 -16.38
C PHE A 119 7.04 -33.09 -16.35
N LEU A 120 7.74 -32.19 -17.03
CA LEU A 120 7.37 -30.78 -16.94
C LEU A 120 6.18 -30.50 -17.83
N SER A 121 6.08 -31.24 -18.93
CA SER A 121 5.10 -30.95 -19.97
C SER A 121 3.68 -30.93 -19.43
N SER A 122 3.46 -31.53 -18.26
CA SER A 122 2.17 -31.44 -17.62
C SER A 122 1.77 -29.99 -17.44
N ASN A 123 2.49 -29.27 -16.56
CA ASN A 123 2.07 -27.90 -16.23
C ASN A 123 2.07 -26.99 -17.44
N GLY A 124 2.65 -27.41 -18.54
CA GLY A 124 2.50 -26.72 -19.80
C GLY A 124 3.68 -27.01 -20.69
N VAL A 125 3.61 -26.46 -21.90
CA VAL A 125 4.68 -26.57 -22.88
C VAL A 125 4.55 -25.48 -23.94
N ILE A 126 5.64 -25.15 -24.61
CA ILE A 126 5.65 -24.13 -25.66
C ILE A 126 6.92 -24.35 -26.48
N THR A 127 6.85 -25.30 -27.40
CA THR A 127 7.96 -25.71 -28.23
C THR A 127 8.31 -24.55 -29.12
N ILE A 128 9.47 -23.95 -28.89
CA ILE A 128 9.92 -22.81 -29.66
C ILE A 128 11.11 -23.26 -30.50
N PRO A 129 11.01 -23.18 -31.82
CA PRO A 129 12.08 -23.69 -32.68
C PRO A 129 13.26 -22.76 -32.72
N ALA A 130 14.37 -23.29 -33.23
CA ALA A 130 15.62 -22.56 -33.26
C ALA A 130 15.44 -21.23 -33.99
N GLY A 131 16.03 -20.18 -33.42
CA GLY A 131 16.04 -18.87 -34.05
C GLY A 131 14.67 -18.30 -34.33
N GLU A 132 13.84 -18.21 -33.30
CA GLU A 132 12.47 -17.77 -33.53
C GLU A 132 12.13 -16.70 -32.49
N GLN A 133 10.87 -16.30 -32.38
CA GLN A 133 10.53 -15.04 -31.73
C GLN A 133 9.83 -15.30 -30.40
N MET A 134 9.87 -14.27 -29.56
CA MET A 134 9.84 -14.41 -28.11
C MET A 134 8.44 -14.15 -27.55
N THR A 135 7.61 -15.20 -27.53
CA THR A 135 6.16 -14.97 -27.50
C THR A 135 5.42 -15.86 -26.51
N LEU A 136 4.85 -15.24 -25.47
CA LEU A 136 3.91 -15.88 -24.55
C LEU A 136 3.13 -14.82 -23.78
N SER A 137 1.97 -15.22 -23.26
CA SER A 137 1.29 -14.46 -22.21
C SER A 137 0.68 -15.42 -21.22
N VAL A 138 0.94 -15.21 -19.94
CA VAL A 138 0.40 -16.06 -18.89
C VAL A 138 -0.74 -15.29 -18.25
N PRO A 139 -1.69 -16.04 -17.59
CA PRO A 139 -2.79 -15.26 -17.00
C PRO A 139 -2.63 -15.07 -15.50
N PHE A 140 -2.65 -16.13 -14.71
CA PHE A 140 -2.47 -15.88 -13.27
C PHE A 140 -2.71 -17.09 -12.36
N TYR A 141 -3.77 -17.04 -11.57
CA TYR A 141 -4.14 -18.09 -10.65
C TYR A 141 -3.06 -18.61 -9.71
N SER A 142 -3.54 -19.40 -8.76
CA SER A 142 -2.77 -20.05 -7.69
C SER A 142 -1.32 -20.44 -8.02
N ASN A 143 -0.41 -19.47 -8.12
CA ASN A 143 -0.66 -18.04 -7.97
C ASN A 143 -1.55 -17.66 -6.79
N LYS A 144 -1.41 -18.33 -5.64
CA LYS A 144 -2.27 -17.97 -4.54
C LYS A 144 -2.70 -16.55 -4.83
N PRO A 145 -4.06 -16.25 -4.79
CA PRO A 145 -4.40 -14.85 -5.14
C PRO A 145 -3.66 -13.78 -4.34
N LEU A 146 -4.24 -13.36 -3.22
CA LEU A 146 -3.63 -12.37 -2.33
C LEU A 146 -2.63 -11.37 -2.91
N ARG A 147 -2.52 -11.32 -4.24
CA ARG A 147 -1.55 -10.44 -4.89
C ARG A 147 -0.18 -11.09 -4.73
N THR A 148 0.89 -10.30 -4.68
CA THR A 148 2.22 -10.89 -4.52
C THR A 148 3.22 -9.99 -3.79
N VAL A 149 3.70 -10.49 -2.66
CA VAL A 149 4.66 -9.84 -1.76
C VAL A 149 5.18 -8.47 -2.18
N ARG A 150 5.48 -8.31 -3.45
CA ARG A 150 6.00 -7.04 -3.94
C ARG A 150 7.51 -6.88 -3.99
N HIS A 151 8.23 -7.56 -3.10
CA HIS A 151 9.68 -7.53 -3.11
C HIS A 151 10.20 -8.86 -2.56
N ASP A 152 9.73 -9.96 -3.14
CA ASP A 152 10.13 -11.29 -2.70
C ASP A 152 11.60 -11.65 -2.84
N SER A 153 12.11 -11.69 -4.06
CA SER A 153 11.29 -11.39 -5.22
C SER A 153 11.65 -12.35 -6.35
N ALA A 154 10.76 -12.47 -7.34
CA ALA A 154 9.49 -11.76 -7.38
C ALA A 154 8.36 -12.76 -7.32
N LEU A 155 8.56 -13.81 -6.54
CA LEU A 155 7.56 -14.85 -6.41
C LEU A 155 7.48 -15.54 -7.75
N GLY A 156 8.04 -16.74 -7.85
CA GLY A 156 7.97 -17.45 -9.11
C GLY A 156 8.86 -18.61 -9.52
N PHE A 157 9.35 -18.48 -10.74
CA PHE A 157 10.17 -19.46 -11.43
C PHE A 157 9.81 -19.52 -12.91
N LEU A 158 10.83 -19.65 -13.76
CA LEU A 158 10.68 -20.11 -15.14
C LEU A 158 11.38 -21.45 -15.29
N MET A 159 10.83 -22.31 -16.14
CA MET A 159 11.40 -23.62 -16.40
C MET A 159 11.74 -23.77 -17.87
N CYS A 160 13.02 -24.01 -18.16
CA CYS A 160 13.54 -24.04 -19.52
C CYS A 160 14.30 -25.33 -19.76
N ARG A 161 13.82 -26.16 -20.69
CA ARG A 161 14.53 -27.39 -21.08
C ARG A 161 14.93 -27.36 -22.54
N PRO A 162 16.22 -27.37 -22.87
CA PRO A 162 16.66 -27.40 -24.26
C PRO A 162 16.83 -28.80 -24.84
N MET A 163 15.83 -29.67 -24.60
CA MET A 163 15.59 -30.90 -25.37
C MET A 163 16.84 -31.66 -25.78
N MET A 164 17.01 -31.88 -27.08
CA MET A 164 18.16 -32.58 -27.60
C MET A 164 19.38 -31.66 -27.58
N HIS A 165 20.46 -32.09 -28.21
CA HIS A 165 21.69 -31.30 -28.20
C HIS A 165 22.39 -31.42 -29.55
N GLY A 166 22.95 -30.30 -30.00
CA GLY A 166 23.69 -30.21 -31.23
C GLY A 166 25.19 -30.04 -31.13
N THR A 167 25.79 -30.31 -29.95
CA THR A 167 27.22 -30.38 -29.75
C THR A 167 27.93 -29.03 -29.78
N THR A 168 27.22 -27.95 -30.08
CA THR A 168 27.79 -26.62 -30.02
C THR A 168 27.13 -25.86 -28.87
N ARG A 169 27.52 -24.59 -28.68
CA ARG A 169 26.97 -23.83 -27.57
C ARG A 169 25.53 -23.43 -27.85
N THR A 170 24.92 -22.79 -26.87
CA THR A 170 23.50 -22.49 -26.90
C THR A 170 23.25 -21.25 -26.05
N THR A 171 22.29 -20.43 -26.46
CA THR A 171 22.06 -19.22 -25.68
C THR A 171 20.59 -18.82 -25.78
N ALA A 172 20.11 -18.13 -24.75
CA ALA A 172 18.72 -17.73 -24.68
C ALA A 172 18.60 -16.30 -24.17
N GLU A 173 17.41 -15.74 -24.32
CA GLU A 173 17.08 -14.40 -23.87
C GLU A 173 15.67 -14.39 -23.30
N VAL A 174 15.46 -13.57 -22.29
CA VAL A 174 14.15 -13.44 -21.65
C VAL A 174 13.84 -11.98 -21.46
N TYR A 175 12.78 -11.50 -22.11
CA TYR A 175 12.27 -10.18 -21.86
C TYR A 175 10.90 -10.31 -21.22
N ILE A 176 10.48 -9.28 -20.49
CA ILE A 176 9.20 -9.29 -19.82
C ILE A 176 8.43 -8.03 -20.18
N SER A 177 7.12 -8.14 -20.27
CA SER A 177 6.24 -6.99 -20.13
C SER A 177 4.94 -7.47 -19.51
N LEU A 178 4.43 -6.74 -18.54
CA LEU A 178 3.16 -7.07 -17.91
C LEU A 178 2.09 -6.12 -18.43
N ARG A 179 0.98 -6.67 -18.92
CA ARG A 179 -0.03 -5.83 -19.54
C ARG A 179 -1.19 -5.63 -18.57
N CYS A 180 -2.12 -4.75 -18.96
CA CYS A 180 -3.35 -4.39 -18.25
C CYS A 180 -3.18 -4.54 -16.76
N PRO A 181 -2.20 -3.91 -16.16
CA PRO A 181 -1.87 -4.22 -14.78
C PRO A 181 -3.07 -3.87 -13.95
N ASN A 182 -3.59 -4.79 -13.14
CA ASN A 182 -4.68 -4.37 -12.27
C ASN A 182 -4.02 -3.40 -11.30
N PHE A 183 -2.92 -3.85 -10.70
CA PHE A 183 -2.11 -3.04 -9.79
C PHE A 183 -2.84 -2.00 -8.94
N PHE A 184 -3.56 -1.13 -9.63
CA PHE A 184 -4.33 -0.04 -9.02
C PHE A 184 -3.61 1.30 -9.15
N PHE A 185 -2.40 1.41 -8.61
CA PHE A 185 -1.74 0.33 -7.89
C PHE A 185 -2.19 0.37 -6.44
N PRO A 186 -1.82 -0.63 -5.65
CA PRO A 186 -2.27 -0.65 -4.26
C PRO A 186 -1.27 0.01 -3.32
N VAL A 187 -1.78 0.55 -2.22
CA VAL A 187 -1.01 1.28 -1.22
C VAL A 187 0.04 2.14 -1.89
N PRO A 188 -0.34 3.03 -2.81
CA PRO A 188 0.72 3.85 -3.36
C PRO A 188 1.10 5.02 -2.49
N ALA A 189 2.35 5.44 -2.56
CA ALA A 189 3.37 4.83 -3.38
C ALA A 189 4.41 4.58 -2.30
N PRO A 190 3.93 3.87 -1.21
CA PRO A 190 4.87 3.67 -0.09
C PRO A 190 6.34 3.34 -0.40
N LYS A 191 6.67 2.06 -0.51
CA LYS A 191 8.06 1.72 -0.80
C LYS A 191 8.70 2.88 -1.56
N PRO A 192 8.93 4.04 -0.83
CA PRO A 192 9.53 5.14 -1.60
C PRO A 192 10.74 4.80 -2.48
N THR A 193 11.43 3.70 -2.19
CA THR A 193 12.60 3.26 -2.96
C THR A 193 13.46 4.42 -3.45
N GLY A 194 13.87 5.26 -2.50
CA GLY A 194 14.66 6.43 -2.83
C GLY A 194 16.15 6.21 -2.71
N SER A 195 16.37 4.91 -2.65
CA SER A 195 17.63 4.29 -2.50
C SER A 195 18.54 5.28 -3.07
N ARG A 196 18.59 5.35 -4.40
CA ARG A 196 19.48 6.27 -5.10
C ARG A 196 20.77 5.98 -4.38
N ALA A 197 20.61 5.24 -3.29
CA ALA A 197 21.76 4.83 -2.52
C ALA A 197 22.60 3.89 -3.40
N ALA A 198 22.37 3.96 -4.71
CA ALA A 198 23.09 3.14 -5.67
C ALA A 198 24.57 3.04 -5.35
N THR B 1 -10.82 -29.65 -54.00
CA THR B 1 -11.23 -28.69 -52.98
C THR B 1 -10.72 -27.29 -53.29
N LYS B 2 -10.00 -27.15 -54.41
CA LYS B 2 -9.55 -25.85 -54.85
C LYS B 2 -10.74 -25.03 -55.32
N TYR B 3 -10.87 -23.87 -54.68
CA TYR B 3 -11.90 -22.88 -54.90
C TYR B 3 -11.82 -22.30 -56.29
N LYS B 4 -10.90 -21.39 -56.55
CA LYS B 4 -9.86 -20.81 -55.67
C LYS B 4 -9.01 -21.94 -54.99
N TRP B 5 -8.91 -22.07 -53.67
CA TRP B 5 -9.57 -21.24 -52.68
C TRP B 5 -8.66 -20.18 -52.10
N THR B 6 -8.91 -19.88 -50.84
CA THR B 6 -8.13 -18.89 -50.09
C THR B 6 -7.30 -17.90 -50.90
N ARG B 7 -6.44 -18.43 -51.77
CA ARG B 7 -5.54 -17.63 -52.63
C ARG B 7 -6.07 -16.25 -53.01
N THR B 8 -5.54 -15.22 -52.35
CA THR B 8 -4.52 -15.43 -51.34
C THR B 8 -4.47 -14.24 -50.43
N LYS B 9 -3.47 -14.21 -49.56
CA LYS B 9 -3.08 -12.99 -48.89
C LYS B 9 -1.80 -12.46 -49.51
N VAL B 10 -0.66 -13.08 -49.24
CA VAL B 10 0.63 -12.74 -49.83
C VAL B 10 0.79 -11.24 -49.86
N ASP B 11 0.92 -10.62 -48.69
CA ASP B 11 1.22 -9.22 -48.71
C ASP B 11 2.75 -9.15 -48.93
N ILE B 12 3.59 -9.68 -48.05
CA ILE B 12 3.37 -9.88 -46.63
C ILE B 12 4.08 -8.68 -46.03
N ALA B 13 4.67 -7.90 -46.93
CA ALA B 13 5.50 -6.75 -46.59
C ALA B 13 6.63 -7.21 -45.70
N GLU B 14 7.03 -8.47 -45.87
CA GLU B 14 7.75 -9.27 -44.88
C GLU B 14 8.13 -10.57 -45.62
N GLY B 15 9.08 -11.36 -45.12
CA GLY B 15 9.75 -11.20 -43.85
C GLY B 15 8.99 -11.53 -42.58
N PRO B 16 8.48 -12.76 -42.44
CA PRO B 16 7.67 -13.09 -41.27
C PRO B 16 8.51 -12.99 -40.00
N GLY B 17 9.21 -11.89 -39.81
CA GLY B 17 10.08 -11.79 -38.65
C GLY B 17 9.75 -10.58 -37.84
N THR B 18 8.64 -10.66 -37.12
CA THR B 18 8.17 -9.52 -36.36
C THR B 18 7.73 -8.62 -37.50
N MET B 19 6.55 -8.92 -38.02
CA MET B 19 5.66 -9.96 -37.41
C MET B 19 5.50 -10.01 -35.89
N ASN B 20 6.03 -11.07 -35.28
CA ASN B 20 5.82 -11.42 -33.87
C ASN B 20 6.66 -10.55 -32.95
N MET B 21 7.16 -9.46 -33.52
CA MET B 21 7.93 -8.39 -32.90
C MET B 21 9.33 -8.87 -32.56
N ALA B 22 9.87 -8.45 -31.43
CA ALA B 22 11.27 -8.73 -31.07
C ALA B 22 12.40 -8.27 -32.04
N ASN B 23 12.70 -6.97 -32.24
CA ASN B 23 11.91 -5.78 -31.84
C ASN B 23 11.63 -5.66 -30.33
N VAL B 24 10.52 -6.29 -29.94
CA VAL B 24 10.09 -6.28 -28.57
C VAL B 24 8.77 -5.57 -28.67
N LEU B 25 8.54 -4.59 -27.81
CA LEU B 25 7.29 -3.89 -27.85
C LEU B 25 7.39 -2.37 -27.94
N SER B 26 6.32 -1.82 -28.46
CA SER B 26 6.05 -0.41 -28.61
C SER B 26 5.01 -0.26 -29.70
N THR B 27 3.88 0.35 -29.38
CA THR B 27 3.62 0.81 -28.02
C THR B 27 2.48 -0.03 -27.49
N THR B 28 2.81 -1.19 -26.95
CA THR B 28 1.77 -2.06 -26.44
C THR B 28 1.01 -2.51 -27.67
N GLY B 29 0.01 -1.72 -28.06
CA GLY B 29 -0.75 -2.05 -29.24
C GLY B 29 -0.54 -3.49 -29.64
N ALA B 30 0.35 -4.19 -28.94
CA ALA B 30 0.51 -5.63 -29.05
C ALA B 30 0.07 -6.20 -27.72
N GLN B 31 -1.15 -6.76 -27.71
CA GLN B 31 -1.74 -7.31 -26.51
C GLN B 31 -1.21 -8.71 -26.30
N SER B 32 -1.91 -9.49 -25.49
CA SER B 32 -1.52 -10.85 -25.26
C SER B 32 -1.53 -11.49 -26.64
N VAL B 33 -0.35 -11.83 -27.15
CA VAL B 33 -0.22 -12.43 -28.48
C VAL B 33 -0.39 -13.96 -28.49
N ALA B 34 0.26 -14.59 -29.48
CA ALA B 34 0.26 -16.04 -29.73
C ALA B 34 -0.39 -16.89 -28.66
N LEU B 35 -1.36 -16.27 -28.02
CA LEU B 35 -2.12 -16.87 -26.94
C LEU B 35 -2.18 -18.39 -26.97
N VAL B 36 -2.15 -18.95 -25.77
CA VAL B 36 -2.06 -18.08 -24.59
C VAL B 36 -1.63 -18.99 -23.45
N GLY B 37 -2.59 -19.59 -22.75
CA GLY B 37 -2.27 -20.51 -21.68
C GLY B 37 -2.88 -20.32 -20.29
N GLU B 38 -4.19 -20.51 -20.10
CA GLU B 38 -5.14 -20.93 -21.11
C GLU B 38 -6.28 -21.68 -20.41
N ARG B 39 -7.50 -21.15 -20.44
CA ARG B 39 -7.87 -19.91 -21.10
C ARG B 39 -8.51 -18.93 -20.10
N ALA B 40 -9.83 -18.92 -19.94
CA ALA B 40 -10.37 -17.98 -18.97
C ALA B 40 -9.49 -16.78 -18.68
N PHE B 41 -9.53 -16.29 -17.44
CA PHE B 41 -8.98 -14.98 -17.09
C PHE B 41 -9.35 -14.72 -15.64
N TYR B 42 -8.62 -13.83 -14.96
CA TYR B 42 -8.67 -13.83 -13.51
C TYR B 42 -9.83 -12.96 -13.06
N ASP B 43 -10.07 -12.95 -11.74
CA ASP B 43 -11.16 -12.13 -11.20
C ASP B 43 -10.75 -11.63 -9.82
N PRO B 44 -9.92 -10.58 -9.74
CA PRO B 44 -9.27 -10.24 -8.47
C PRO B 44 -10.21 -9.52 -7.55
N ARG B 45 -9.67 -9.03 -6.44
CA ARG B 45 -10.43 -8.20 -5.52
C ARG B 45 -9.47 -7.40 -4.66
N THR B 46 -9.98 -6.30 -4.13
CA THR B 46 -9.30 -5.49 -3.14
C THR B 46 -9.42 -6.29 -1.82
N ALA B 47 -8.89 -5.87 -0.67
CA ALA B 47 -8.31 -4.58 -0.37
C ALA B 47 -7.00 -4.71 0.40
N GLY B 48 -6.12 -3.72 0.26
CA GLY B 48 -6.20 -2.65 -0.73
C GLY B 48 -7.15 -1.48 -0.57
N SER B 49 -7.74 -1.07 -1.68
CA SER B 49 -8.64 0.07 -1.81
C SER B 49 -9.31 -0.03 -3.17
N LYS B 50 -10.15 0.95 -3.50
CA LYS B 50 -10.82 0.96 -4.79
C LYS B 50 -9.96 1.88 -5.62
N SER B 51 -8.65 1.70 -5.49
CA SER B 51 -7.66 2.54 -6.14
C SER B 51 -7.10 2.16 -7.52
N ARG B 52 -7.91 1.63 -8.42
CA ARG B 52 -7.31 1.36 -9.73
C ARG B 52 -7.13 2.70 -10.42
N PHE B 53 -5.88 3.07 -10.72
CA PHE B 53 -5.61 4.34 -11.38
C PHE B 53 -4.46 4.19 -12.36
N ASP B 54 -4.62 4.84 -13.51
CA ASP B 54 -3.47 5.30 -14.29
C ASP B 54 -2.96 6.54 -13.59
N ASP B 55 -1.92 7.18 -14.12
CA ASP B 55 -1.34 8.34 -13.45
C ASP B 55 -0.76 7.77 -12.16
N MET B 56 0.54 7.92 -11.85
CA MET B 56 1.59 8.66 -12.59
C MET B 56 1.80 10.03 -11.94
N ILE B 57 1.24 11.08 -12.55
CA ILE B 57 1.38 12.41 -11.98
C ILE B 57 0.51 12.56 -10.72
N LYS B 58 -0.54 11.76 -10.56
CA LYS B 58 -1.12 11.61 -9.24
C LYS B 58 -0.12 11.11 -8.23
N ILE B 59 0.77 10.20 -8.60
CA ILE B 59 1.77 9.78 -7.64
C ILE B 59 2.91 10.77 -7.56
N ALA B 60 2.92 11.82 -8.40
CA ALA B 60 3.98 12.76 -8.08
C ALA B 60 3.53 13.64 -6.94
N GLN B 61 2.92 14.80 -7.22
CA GLN B 61 1.95 15.50 -6.38
C GLN B 61 2.04 15.21 -4.88
N LEU B 62 3.23 14.94 -4.35
CA LEU B 62 3.39 14.65 -2.93
C LEU B 62 4.64 15.35 -2.42
N PHE B 63 4.46 16.29 -1.50
CA PHE B 63 5.57 17.13 -1.08
C PHE B 63 6.64 16.32 -0.38
N SER B 64 7.88 16.45 -0.86
CA SER B 64 8.96 15.57 -0.48
C SER B 64 10.25 16.36 -0.32
N VAL B 65 10.91 16.24 0.83
CA VAL B 65 12.06 17.09 1.11
C VAL B 65 13.14 16.84 0.09
N MET B 66 14.01 17.83 -0.12
CA MET B 66 15.00 17.69 -1.18
C MET B 66 16.23 17.02 -0.59
N SER B 67 16.43 15.78 -1.00
CA SER B 67 17.58 14.95 -0.67
C SER B 67 17.88 14.94 0.82
N ASP B 68 19.17 14.94 1.12
CA ASP B 68 19.68 14.72 2.46
C ASP B 68 20.73 15.78 2.67
N ASN B 69 21.77 15.68 1.83
CA ASN B 69 22.95 16.54 1.77
C ASN B 69 22.77 17.71 0.83
N THR B 70 21.54 18.11 0.53
CA THR B 70 21.29 19.23 -0.39
C THR B 70 22.25 20.41 -0.17
N THR B 71 22.18 20.99 1.02
CA THR B 71 23.03 22.10 1.41
C THR B 71 24.55 21.84 1.30
N PRO B 72 24.99 20.66 1.72
CA PRO B 72 24.06 19.67 2.25
C PRO B 72 24.06 19.63 3.78
N SER B 73 23.37 18.65 4.34
CA SER B 73 23.29 18.47 5.79
C SER B 73 22.54 17.18 6.16
N SER B 74 21.71 17.25 7.20
CA SER B 74 20.95 16.08 7.64
C SER B 74 21.79 14.82 7.64
N SER B 75 22.66 14.67 8.64
CA SER B 75 22.58 15.40 9.90
C SER B 75 22.96 16.89 9.85
N SER B 76 24.03 17.31 9.15
CA SER B 76 25.12 16.47 8.63
C SER B 76 26.47 16.38 9.38
N GLY B 77 26.69 16.95 10.57
CA GLY B 77 25.70 17.31 11.57
C GLY B 77 24.99 18.63 11.44
N ILE B 78 24.19 18.92 12.46
CA ILE B 78 23.25 20.05 12.49
C ILE B 78 23.95 21.35 12.09
N ASP B 79 23.42 22.10 11.12
CA ASP B 79 22.16 21.86 10.39
C ASP B 79 21.97 20.46 9.79
N LYS B 80 20.82 19.78 10.00
CA LYS B 80 19.49 20.31 10.35
C LYS B 80 19.05 21.25 9.24
N TYR B 81 18.67 20.65 8.13
CA TYR B 81 18.65 21.30 6.83
C TYR B 81 17.74 22.50 6.79
N GLY B 82 17.96 23.39 5.83
CA GLY B 82 17.31 24.67 5.78
C GLY B 82 18.18 25.79 6.26
N TYR B 83 19.47 25.53 6.42
CA TYR B 83 20.38 26.40 7.14
C TYR B 83 19.79 26.72 8.50
N PHE B 84 20.00 27.94 8.95
CA PHE B 84 19.52 28.46 10.22
C PHE B 84 19.12 29.90 10.07
N ASP B 85 17.90 30.25 10.46
CA ASP B 85 17.68 31.68 10.56
C ASP B 85 18.11 32.01 11.98
N TRP B 86 19.23 32.69 12.09
CA TRP B 86 19.85 32.94 13.38
C TRP B 86 20.45 34.31 13.26
N ALA B 87 20.19 35.14 14.28
CA ALA B 87 20.62 36.51 14.41
C ALA B 87 22.12 36.72 14.26
N ALA B 88 22.44 37.66 13.37
CA ALA B 88 23.79 38.07 13.00
C ALA B 88 23.71 38.43 11.52
N THR B 89 22.86 37.70 10.81
CA THR B 89 22.65 37.89 9.39
C THR B 89 21.90 39.17 9.04
N VAL B 90 21.16 39.74 9.99
CA VAL B 90 20.45 40.96 9.62
C VAL B 90 21.21 41.59 8.47
N ALA B 91 21.05 42.89 8.24
CA ALA B 91 21.33 43.53 6.96
C ALA B 91 20.29 43.05 5.95
N PRO B 92 19.14 43.71 5.96
CA PRO B 92 17.94 43.23 5.25
C PRO B 92 18.15 42.70 3.84
N GLN B 93 19.37 42.80 3.34
CA GLN B 93 19.69 42.25 2.04
C GLN B 93 20.74 41.12 2.11
N ASN B 94 20.32 39.89 2.41
CA ASN B 94 21.27 38.76 2.48
C ASN B 94 20.74 37.32 2.40
N MET B 95 20.76 36.65 3.54
CA MET B 95 20.36 35.26 3.75
C MET B 95 21.22 34.32 2.92
N VAL B 96 20.88 33.03 2.96
CA VAL B 96 21.62 32.03 2.23
C VAL B 96 20.80 30.83 1.76
N HIS B 97 21.26 30.22 0.67
CA HIS B 97 20.64 29.05 0.07
C HIS B 97 21.14 28.97 -1.37
N ARG B 98 20.52 28.15 -2.22
CA ARG B 98 21.07 28.09 -3.55
C ARG B 98 20.54 26.85 -4.25
N ASN B 99 20.43 26.96 -5.57
CA ASN B 99 19.91 25.87 -6.35
C ASN B 99 21.00 25.10 -7.08
N VAL B 100 21.45 25.69 -8.18
CA VAL B 100 22.32 25.05 -9.17
C VAL B 100 22.01 23.56 -9.54
N VAL B 101 20.75 23.15 -9.79
CA VAL B 101 19.53 23.91 -9.51
C VAL B 101 18.39 23.17 -8.74
N THR B 102 17.79 22.14 -9.33
CA THR B 102 18.15 21.63 -10.64
C THR B 102 17.05 20.69 -11.08
N LEU B 103 16.97 19.58 -10.37
CA LEU B 103 15.99 18.52 -10.57
C LEU B 103 16.44 17.30 -9.77
N ASP B 104 17.27 17.58 -8.78
CA ASP B 104 17.86 16.63 -7.84
C ASP B 104 18.45 17.56 -6.80
N GLN B 105 17.73 17.70 -5.69
CA GLN B 105 16.47 16.95 -5.51
C GLN B 105 16.43 15.47 -5.82
N PHE B 106 16.75 14.66 -4.83
CA PHE B 106 16.37 13.27 -5.00
C PHE B 106 15.22 12.87 -4.08
N PRO B 107 14.05 13.50 -4.18
CA PRO B 107 12.85 12.87 -3.67
C PRO B 107 12.03 12.26 -4.79
N ASN B 108 12.49 11.14 -5.33
CA ASN B 108 11.80 10.30 -6.31
C ASN B 108 11.63 10.98 -7.67
N LEU B 109 11.71 12.31 -7.72
CA LEU B 109 11.79 12.89 -9.04
C LEU B 109 13.10 12.50 -9.69
N ASN B 110 14.08 12.14 -8.87
CA ASN B 110 15.26 11.46 -9.37
C ASN B 110 14.84 10.28 -10.23
N LEU B 111 13.94 9.44 -9.73
CA LEU B 111 13.61 8.24 -10.50
C LEU B 111 12.76 8.58 -11.71
N PHE B 112 11.85 9.54 -11.59
CA PHE B 112 11.14 9.99 -12.80
C PHE B 112 12.11 10.43 -13.88
N MET B 113 12.99 11.38 -13.57
CA MET B 113 13.93 11.81 -14.60
C MET B 113 14.93 10.72 -14.92
N ASN B 114 14.95 9.66 -14.13
CA ASN B 114 15.78 8.51 -14.40
C ASN B 114 15.05 7.46 -15.20
N THR B 115 13.80 7.71 -15.60
CA THR B 115 13.17 6.82 -16.56
C THR B 115 12.65 7.60 -17.77
N TYR B 116 11.69 8.50 -17.59
CA TYR B 116 11.35 9.42 -18.65
C TYR B 116 12.46 10.42 -18.85
N SER B 117 12.60 10.92 -20.08
CA SER B 117 13.28 12.19 -20.27
C SER B 117 12.49 13.05 -21.25
N TYR B 118 11.66 13.94 -20.70
CA TYR B 118 11.14 15.22 -21.20
C TYR B 118 10.02 15.60 -20.24
N PHE B 119 9.57 16.86 -20.21
CA PHE B 119 8.32 17.16 -19.54
C PHE B 119 7.98 18.64 -19.66
N ARG B 120 6.80 18.98 -19.16
CA ARG B 120 6.38 20.36 -18.97
C ARG B 120 5.57 20.43 -17.70
N GLY B 121 5.83 21.46 -16.91
CA GLY B 121 5.11 21.71 -15.68
C GLY B 121 6.02 22.44 -14.72
N SER B 122 5.41 22.92 -13.64
CA SER B 122 6.08 23.71 -12.63
C SER B 122 6.62 22.91 -11.47
N LEU B 123 7.41 23.58 -10.64
CA LEU B 123 7.99 22.96 -9.46
C LEU B 123 7.47 23.68 -8.24
N ILE B 124 6.23 23.41 -7.85
CA ILE B 124 5.71 24.11 -6.68
C ILE B 124 6.61 23.84 -5.49
N ILE B 125 7.01 24.90 -4.80
CA ILE B 125 8.01 24.81 -3.74
C ILE B 125 7.34 25.19 -2.43
N ARG B 126 7.81 24.60 -1.33
CA ARG B 126 7.34 25.00 -0.01
C ARG B 126 8.53 25.26 0.90
N LEU B 127 8.50 26.38 1.57
CA LEU B 127 9.34 26.65 2.71
C LEU B 127 8.50 26.50 3.97
N SER B 128 9.08 25.89 4.99
CA SER B 128 8.36 25.71 6.24
C SER B 128 9.29 26.06 7.38
N ILE B 129 8.91 27.04 8.16
CA ILE B 129 9.76 27.58 9.21
C ILE B 129 9.23 27.09 10.54
N TYR B 130 10.15 26.70 11.41
CA TYR B 130 9.79 26.23 12.74
C TYR B 130 10.43 27.17 13.76
N ALA B 131 9.58 27.73 14.62
CA ALA B 131 9.92 28.48 15.81
C ALA B 131 8.71 28.46 16.71
N SER B 132 8.93 28.78 17.97
CA SER B 132 7.83 28.80 18.91
C SER B 132 6.91 29.98 18.62
N THR B 133 5.92 30.16 19.48
CA THR B 133 4.88 31.13 19.21
C THR B 133 5.34 32.55 19.48
N PHE B 134 6.21 32.76 20.46
CA PHE B 134 6.63 34.11 20.81
C PHE B 134 7.22 34.86 19.63
N ASN B 135 8.41 34.48 19.19
CA ASN B 135 9.16 35.32 18.27
C ASN B 135 8.54 35.33 16.89
N ARG B 136 8.90 36.35 16.10
CA ARG B 136 8.28 36.62 14.81
C ARG B 136 9.32 37.20 13.88
N GLY B 137 9.01 37.18 12.59
CA GLY B 137 9.91 37.76 11.61
C GLY B 137 9.38 37.57 10.21
N ARG B 138 9.95 38.34 9.29
CA ARG B 138 9.59 38.26 7.88
C ARG B 138 10.83 37.90 7.08
N LEU B 139 10.64 37.22 5.95
CA LEU B 139 11.74 36.96 5.03
C LEU B 139 11.17 36.64 3.66
N ARG B 140 11.94 36.92 2.61
CA ARG B 140 11.46 36.69 1.25
C ARG B 140 12.05 35.46 0.62
N MET B 141 11.71 35.23 -0.64
CA MET B 141 12.21 34.06 -1.36
C MET B 141 12.40 34.41 -2.83
N GLY B 142 13.64 34.45 -3.29
CA GLY B 142 13.94 34.67 -4.70
C GLY B 142 14.06 33.37 -5.49
N PHE B 143 13.51 33.38 -6.70
CA PHE B 143 13.70 32.31 -7.67
C PHE B 143 13.74 32.91 -9.07
N PHE B 144 14.85 32.64 -9.86
CA PHE B 144 14.82 33.08 -11.26
C PHE B 144 14.71 31.89 -12.20
N PRO B 145 13.77 31.96 -13.09
CA PRO B 145 13.60 30.90 -14.08
C PRO B 145 14.49 31.02 -15.31
N ASN B 146 15.80 30.92 -15.19
CA ASN B 146 16.61 30.77 -16.39
C ASN B 146 17.65 29.63 -16.31
N CYS B 147 18.73 29.69 -15.50
CA CYS B 147 19.21 30.84 -14.74
C CYS B 147 20.73 30.88 -14.50
N THR B 148 21.13 31.97 -13.85
CA THR B 148 22.48 32.48 -13.83
C THR B 148 23.25 32.11 -12.54
N HIS B 149 24.37 32.81 -12.34
CA HIS B 149 25.56 32.39 -11.61
C HIS B 149 25.68 32.86 -10.16
N ASP B 150 24.64 33.44 -9.54
CA ASP B 150 24.74 34.21 -8.28
C ASP B 150 25.47 35.56 -8.44
N THR B 151 24.87 36.61 -9.04
CA THR B 151 23.43 37.00 -9.13
C THR B 151 22.73 37.38 -7.80
N GLN B 152 23.04 38.61 -7.38
CA GLN B 152 22.53 39.33 -6.21
C GLN B 152 21.17 39.98 -6.44
N LEU B 153 20.91 41.09 -5.74
CA LEU B 153 19.62 41.73 -5.42
C LEU B 153 18.66 41.84 -6.61
N GLU B 154 19.15 41.56 -7.81
CA GLU B 154 18.21 41.21 -8.85
C GLU B 154 17.18 40.21 -8.32
N LEU B 155 17.53 39.43 -7.30
CA LEU B 155 16.52 38.73 -6.51
C LEU B 155 15.45 39.67 -5.98
N ASP B 156 15.76 40.95 -5.86
CA ASP B 156 14.69 41.93 -5.70
C ASP B 156 14.00 42.19 -7.01
N ASN B 157 14.73 42.13 -8.13
CA ASN B 157 14.03 42.27 -9.40
C ASN B 157 12.93 41.23 -9.62
N ALA B 158 13.36 40.00 -9.90
CA ALA B 158 12.52 38.84 -10.23
C ALA B 158 11.34 38.58 -9.32
N ILE B 159 10.87 37.34 -9.38
CA ILE B 159 9.73 36.87 -8.62
C ILE B 159 9.96 37.18 -7.15
N TYR B 160 8.89 37.09 -6.36
CA TYR B 160 8.99 37.37 -4.96
C TYR B 160 8.09 36.40 -4.21
N THR B 161 7.73 36.78 -3.00
CA THR B 161 6.86 36.02 -2.11
C THR B 161 7.36 36.33 -0.72
N ILE B 162 6.56 37.08 0.00
CA ILE B 162 6.90 37.54 1.34
C ILE B 162 6.53 36.44 2.32
N CYS B 163 7.14 36.47 3.50
CA CYS B 163 7.00 35.42 4.50
C CYS B 163 6.90 35.99 5.91
N ASP B 164 5.86 35.61 6.65
CA ASP B 164 5.63 36.12 8.00
C ASP B 164 5.47 34.94 8.95
N ILE B 165 6.28 34.90 10.00
CA ILE B 165 6.14 33.79 10.96
C ILE B 165 6.20 34.22 12.41
N GLY B 166 5.17 33.82 13.16
CA GLY B 166 3.87 33.54 12.56
C GLY B 166 2.94 32.66 13.37
N SER B 167 1.66 32.70 13.04
CA SER B 167 0.75 31.60 13.35
C SER B 167 -0.19 31.29 12.20
N ASP B 168 0.00 30.15 11.56
CA ASP B 168 1.24 29.40 11.70
C ASP B 168 1.79 29.18 10.31
N ASN B 169 2.89 28.45 10.20
CA ASN B 169 3.48 28.13 8.91
C ASN B 169 2.37 27.49 8.08
N SER B 170 2.69 26.98 6.90
CA SER B 170 4.05 26.99 6.39
C SER B 170 4.22 28.10 5.34
N PHE B 171 3.96 27.77 4.08
CA PHE B 171 4.12 28.75 3.01
C PHE B 171 3.98 28.10 1.63
N GLU B 172 4.29 28.89 0.61
CA GLU B 172 4.25 28.47 -0.79
C GLU B 172 4.69 29.61 -1.68
N LEU B 173 5.37 29.26 -2.76
CA LEU B 173 5.47 30.11 -3.93
C LEU B 173 5.52 29.16 -5.12
N THR B 174 4.89 29.52 -6.21
CA THR B 174 4.93 28.63 -7.35
C THR B 174 5.88 29.20 -8.40
N ILE B 175 5.96 28.50 -9.51
CA ILE B 175 6.60 29.02 -10.71
C ILE B 175 5.70 28.60 -11.85
N PRO B 176 5.46 29.44 -12.84
CA PRO B 176 4.88 28.95 -14.08
C PRO B 176 5.96 28.35 -14.96
N TYR B 177 5.53 27.48 -15.86
CA TYR B 177 6.50 26.80 -16.72
C TYR B 177 7.10 27.81 -17.68
N SER B 178 8.42 27.96 -17.64
CA SER B 178 9.07 29.03 -18.38
C SER B 178 10.25 28.47 -19.15
N PHE B 179 10.17 28.53 -20.48
CA PHE B 179 11.22 28.03 -21.36
C PHE B 179 10.70 28.20 -22.78
N SER B 180 11.59 28.03 -23.73
CA SER B 180 11.19 28.04 -25.12
C SER B 180 10.67 26.64 -25.48
N THR B 181 10.52 26.36 -26.76
CA THR B 181 10.17 25.04 -27.27
C THR B 181 8.83 24.65 -26.64
N TRP B 182 8.61 23.38 -26.31
CA TRP B 182 7.59 22.96 -25.36
C TRP B 182 8.12 21.97 -24.33
N MET B 183 8.60 20.82 -24.73
CA MET B 183 9.26 19.93 -23.80
C MET B 183 10.56 20.57 -23.33
N ARG B 184 11.08 20.10 -22.21
CA ARG B 184 12.46 20.38 -21.82
C ARG B 184 13.18 19.09 -21.56
N LYS B 185 14.49 19.09 -21.73
CA LYS B 185 15.27 17.94 -21.31
C LYS B 185 15.26 17.85 -19.79
N THR B 186 15.27 16.61 -19.30
CA THR B 186 15.19 16.34 -17.88
C THR B 186 16.54 16.07 -17.25
N HIS B 187 17.60 16.07 -18.02
CA HIS B 187 18.94 15.93 -17.46
C HIS B 187 19.46 17.32 -17.09
N GLY B 188 20.77 17.44 -16.96
CA GLY B 188 21.41 18.59 -16.37
C GLY B 188 21.42 19.82 -17.26
N HIS B 189 20.41 19.95 -18.11
CA HIS B 189 20.40 21.04 -19.07
C HIS B 189 20.21 22.38 -18.35
N GLN B 190 19.02 22.66 -17.81
CA GLN B 190 18.78 23.96 -17.21
C GLN B 190 17.70 23.90 -16.13
N LEU B 191 17.84 24.77 -15.13
CA LEU B 191 16.73 25.35 -14.35
C LEU B 191 17.23 26.57 -13.59
N GLY B 192 16.39 27.08 -12.69
CA GLY B 192 16.52 28.42 -12.13
C GLY B 192 17.46 28.56 -10.94
N LEU B 193 17.16 29.53 -10.08
CA LEU B 193 18.03 29.87 -8.95
C LEU B 193 17.17 30.28 -7.76
N PHE B 194 17.61 29.93 -6.55
CA PHE B 194 16.77 30.08 -5.36
C PHE B 194 17.59 30.55 -4.16
N GLN B 195 17.20 31.70 -3.59
CA GLN B 195 17.71 32.13 -2.29
C GLN B 195 16.57 32.38 -1.33
N VAL B 196 16.86 32.29 -0.03
CA VAL B 196 16.01 32.96 0.94
C VAL B 196 16.81 34.12 1.50
N GLU B 197 16.12 35.23 1.69
CA GLU B 197 16.73 36.50 2.04
C GLU B 197 16.09 36.98 3.33
N VAL B 198 16.92 37.18 4.35
CA VAL B 198 16.48 37.85 5.55
C VAL B 198 16.39 39.33 5.23
N LEU B 199 15.22 39.93 5.50
CA LEU B 199 15.03 41.37 5.47
C LEU B 199 14.95 41.93 6.88
N ASN B 200 13.96 41.55 7.68
CA ASN B 200 14.07 41.90 9.09
C ASN B 200 14.50 40.68 9.88
N ARG B 201 14.89 40.91 11.13
CA ARG B 201 15.43 39.83 11.92
C ARG B 201 14.33 38.93 12.39
N LEU B 202 14.70 37.73 12.82
CA LEU B 202 13.81 36.88 13.58
C LEU B 202 14.22 37.03 15.05
N THR B 203 13.42 37.78 15.80
CA THR B 203 13.82 38.23 17.13
C THR B 203 13.71 37.11 18.13
N TYR B 204 14.05 37.41 19.39
CA TYR B 204 13.96 36.42 20.44
C TYR B 204 13.80 37.14 21.76
N ASN B 205 13.09 36.53 22.69
CA ASN B 205 12.94 37.08 24.02
C ASN B 205 13.86 36.36 24.99
N SER B 206 13.83 36.81 26.25
CA SER B 206 14.76 36.27 27.23
C SER B 206 14.40 34.83 27.60
N SER B 207 13.15 34.44 27.45
CA SER B 207 12.79 33.02 27.44
C SER B 207 12.24 32.71 26.06
N SER B 208 13.04 32.04 25.24
CA SER B 208 12.69 31.83 23.85
C SER B 208 13.62 30.81 23.21
N PRO B 209 13.39 30.40 21.96
CA PRO B 209 14.30 29.46 21.32
C PRO B 209 15.63 30.05 20.90
N ASN B 210 15.66 31.33 20.52
CA ASN B 210 16.88 32.01 20.08
C ASN B 210 17.41 31.48 18.76
N LYS B 211 16.94 30.32 18.31
CA LYS B 211 17.38 29.79 17.03
C LYS B 211 16.22 29.10 16.34
N VAL B 212 15.97 29.49 15.11
CA VAL B 212 14.77 29.12 14.38
C VAL B 212 15.21 28.75 12.97
N HIS B 213 14.41 27.94 12.27
CA HIS B 213 14.96 27.39 11.04
C HIS B 213 13.89 27.00 10.03
N CYS B 214 14.34 26.26 9.01
CA CYS B 214 13.57 26.04 7.81
C CYS B 214 13.70 24.59 7.39
N ILE B 215 12.78 24.17 6.53
CA ILE B 215 12.91 22.99 5.69
C ILE B 215 12.22 23.35 4.39
N VAL B 216 12.69 22.82 3.27
CA VAL B 216 12.13 23.20 1.98
C VAL B 216 11.90 21.97 1.13
N GLN B 217 10.67 21.77 0.70
CA GLN B 217 10.37 20.61 -0.12
C GLN B 217 9.52 21.00 -1.31
N GLY B 218 9.92 20.50 -2.48
CA GLY B 218 9.21 20.77 -3.70
C GLY B 218 8.42 19.58 -4.20
N ARG B 219 7.57 19.85 -5.19
CA ARG B 219 6.83 18.82 -5.89
C ARG B 219 6.37 19.40 -7.22
N LEU B 220 6.01 18.51 -8.14
CA LEU B 220 5.65 18.89 -9.49
C LEU B 220 4.18 18.60 -9.74
N GLY B 221 3.46 19.57 -10.31
CA GLY B 221 2.05 19.43 -10.61
C GLY B 221 1.37 20.78 -10.58
N ASP B 222 0.07 20.86 -10.85
CA ASP B 222 -0.76 19.72 -11.24
C ASP B 222 -0.97 19.69 -12.75
N ASP B 223 -0.39 20.67 -13.43
CA ASP B 223 -0.46 20.77 -14.88
C ASP B 223 0.46 19.79 -15.59
N ALA B 224 1.40 19.18 -14.87
CA ALA B 224 2.56 18.55 -15.49
C ALA B 224 2.18 17.25 -16.18
N LYS B 225 3.20 16.63 -16.78
CA LYS B 225 3.10 15.34 -17.44
C LYS B 225 4.45 15.03 -18.09
N PHE B 226 4.67 13.78 -18.46
CA PHE B 226 5.96 13.36 -18.99
C PHE B 226 5.76 12.77 -20.38
N PHE B 227 6.80 12.85 -21.21
CA PHE B 227 6.71 12.37 -22.59
C PHE B 227 7.83 11.39 -22.88
N CYS B 228 7.49 10.21 -23.38
CA CYS B 228 8.41 9.19 -23.90
C CYS B 228 9.25 8.56 -22.80
N PRO B 229 9.62 7.30 -22.95
CA PRO B 229 10.57 6.70 -22.00
C PRO B 229 12.00 6.79 -22.49
N THR B 230 12.93 6.31 -21.67
CA THR B 230 14.32 6.15 -22.05
C THR B 230 14.95 5.20 -21.05
N GLY B 231 16.05 4.56 -21.46
CA GLY B 231 16.71 3.62 -20.58
C GLY B 231 17.49 4.25 -19.44
N SER B 232 17.88 5.52 -19.58
CA SER B 232 18.74 6.18 -18.59
C SER B 232 20.03 5.32 -18.38
N LEU B 233 20.67 5.08 -17.22
CA LEU B 233 20.26 5.21 -15.82
C LEU B 233 21.37 5.59 -14.84
N VAL B 234 21.04 5.48 -13.55
CA VAL B 234 21.92 5.86 -12.44
C VAL B 234 22.70 4.67 -11.92
N SER B 235 22.63 3.55 -12.65
CA SER B 235 23.40 2.33 -12.36
C SER B 235 23.11 1.57 -11.07
N PHE B 236 22.00 0.83 -11.02
CA PHE B 236 20.85 1.05 -11.89
C PHE B 236 19.59 1.73 -11.29
N GLN B 237 19.52 2.14 -10.02
CA GLN B 237 20.57 2.15 -8.99
C GLN B 237 20.83 0.77 -8.43
N LEU C 1 -54.02 -55.45 15.12
CA LEU C 1 -54.02 -54.81 16.42
C LEU C 1 -55.05 -53.70 16.49
N SER C 2 -54.82 -52.68 15.64
CA SER C 2 -55.60 -51.45 15.71
C SER C 2 -57.10 -51.74 15.61
N ASN C 3 -57.49 -52.53 14.62
CA ASN C 3 -58.92 -52.82 14.45
C ASN C 3 -59.40 -53.79 15.51
N VAL C 4 -58.50 -54.62 16.04
CA VAL C 4 -58.90 -55.63 17.02
C VAL C 4 -59.40 -54.98 18.30
N GLU C 5 -58.67 -53.97 18.78
CA GLU C 5 -59.11 -53.24 19.96
C GLU C 5 -60.54 -52.73 19.78
N THR C 6 -60.79 -52.03 18.68
CA THR C 6 -62.14 -51.59 18.37
C THR C 6 -63.07 -52.76 18.18
N GLU C 7 -62.53 -53.97 18.01
CA GLU C 7 -63.39 -55.15 18.00
C GLU C 7 -63.80 -55.53 19.41
N ALA C 8 -62.88 -55.39 20.38
CA ALA C 8 -63.28 -55.53 21.77
C ALA C 8 -64.37 -54.53 22.12
N ASN C 9 -64.20 -53.27 21.73
CA ASN C 9 -65.27 -52.30 21.87
C ASN C 9 -66.56 -52.81 21.23
N ASN C 10 -66.55 -53.02 19.92
CA ASN C 10 -67.77 -53.34 19.20
C ASN C 10 -68.46 -54.55 19.82
N ILE C 11 -67.69 -55.40 20.51
CA ILE C 11 -68.33 -56.40 21.36
C ILE C 11 -69.02 -55.73 22.54
N ILE C 12 -68.31 -54.81 23.20
CA ILE C 12 -68.91 -54.10 24.32
C ILE C 12 -70.26 -53.55 23.92
N SER C 13 -70.29 -52.73 22.87
CA SER C 13 -71.56 -52.29 22.31
C SER C 13 -72.41 -53.48 21.91
N GLY C 14 -71.78 -54.65 21.72
CA GLY C 14 -72.55 -55.87 21.59
C GLY C 14 -73.49 -56.07 22.76
N ASN C 15 -72.99 -55.94 23.98
CA ASN C 15 -73.86 -56.14 25.15
C ASN C 15 -74.38 -54.83 25.73
N GLU C 16 -74.04 -53.69 25.11
CA GLU C 16 -74.49 -52.41 25.64
C GLU C 16 -75.99 -52.23 25.44
N VAL C 17 -76.52 -52.85 24.39
CA VAL C 17 -77.94 -52.74 24.13
C VAL C 17 -78.71 -53.00 25.43
N GLY C 18 -77.96 -53.28 26.49
CA GLY C 18 -78.54 -53.52 27.80
C GLY C 18 -78.20 -52.32 28.67
N GLY C 19 -79.15 -51.39 28.75
CA GLY C 19 -78.97 -50.18 29.53
C GLY C 19 -78.33 -50.47 30.87
N GLU C 20 -78.48 -51.72 31.31
CA GLU C 20 -77.90 -52.16 32.56
C GLU C 20 -76.42 -52.47 32.37
N ILE C 21 -75.54 -51.54 32.78
CA ILE C 21 -75.93 -50.29 33.40
C ILE C 21 -74.70 -49.46 33.68
N ILE C 22 -74.37 -48.51 32.79
CA ILE C 22 -75.16 -48.22 31.61
C ILE C 22 -74.28 -48.08 30.36
N THR C 23 -73.49 -49.10 30.05
CA THR C 23 -73.42 -50.33 30.82
C THR C 23 -72.21 -50.28 31.76
N LYS C 24 -71.03 -49.97 31.22
CA LYS C 24 -70.84 -49.70 29.80
C LYS C 24 -70.45 -51.02 29.22
N VAL C 25 -70.72 -52.07 29.98
CA VAL C 25 -70.36 -53.41 29.56
C VAL C 25 -69.22 -53.80 30.50
N ALA C 26 -69.58 -54.40 31.64
CA ALA C 26 -68.63 -54.82 32.67
C ALA C 26 -67.31 -55.32 32.13
N ASP C 27 -66.20 -54.80 32.66
CA ASP C 27 -66.18 -53.77 33.71
C ASP C 27 -65.57 -52.52 33.11
N ASP C 28 -66.42 -51.56 32.79
CA ASP C 28 -65.93 -50.32 32.20
C ASP C 28 -65.18 -50.67 30.92
N ALA C 29 -65.32 -51.91 30.46
CA ALA C 29 -64.66 -52.40 29.25
C ALA C 29 -64.70 -51.35 28.17
N SER C 30 -65.71 -50.49 28.25
CA SER C 30 -65.94 -49.42 27.31
C SER C 30 -64.67 -48.80 26.76
N ASN C 31 -63.53 -49.39 27.08
CA ASN C 31 -62.31 -48.82 26.53
C ASN C 31 -61.32 -49.84 26.01
N LEU C 32 -61.54 -51.11 26.31
CA LEU C 32 -60.61 -52.12 25.84
C LEU C 32 -59.93 -51.74 24.55
N LEU C 33 -60.33 -50.62 23.94
CA LEU C 33 -59.65 -50.13 22.75
C LEU C 33 -58.21 -49.73 23.09
N GLY C 34 -57.99 -49.30 24.32
CA GLY C 34 -56.67 -48.88 24.76
C GLY C 34 -56.36 -47.44 24.35
N PRO C 35 -55.17 -46.90 24.82
CA PRO C 35 -54.93 -45.52 24.39
C PRO C 35 -54.05 -45.44 23.14
N ASN C 36 -54.69 -45.36 21.98
CA ASN C 36 -54.05 -45.28 20.66
C ASN C 36 -52.55 -45.56 20.58
N SER C 37 -52.11 -46.70 21.11
CA SER C 37 -52.96 -47.67 21.76
C SER C 37 -52.12 -48.93 21.84
N PHE C 38 -51.44 -49.13 22.96
CA PHE C 38 -50.55 -50.28 23.14
C PHE C 38 -49.44 -50.08 22.13
N ALA C 39 -49.66 -49.08 21.26
CA ALA C 39 -48.70 -48.65 20.26
C ALA C 39 -48.75 -47.12 20.11
N THR C 40 -47.59 -46.49 20.03
CA THR C 40 -46.33 -47.19 20.16
C THR C 40 -45.81 -47.14 21.63
N THR C 41 -45.62 -45.98 22.24
CA THR C 41 -45.85 -44.67 21.66
C THR C 41 -44.50 -43.95 21.68
N ALA C 42 -44.16 -43.39 22.84
CA ALA C 42 -42.95 -42.58 22.99
C ALA C 42 -41.64 -43.24 23.36
N GLN C 43 -41.59 -43.88 24.53
CA GLN C 43 -40.37 -44.51 25.05
C GLN C 43 -39.40 -45.06 24.00
N PRO C 44 -39.50 -46.41 23.69
CA PRO C 44 -38.55 -46.86 22.67
C PRO C 44 -39.04 -46.50 21.27
N GLU C 45 -39.76 -45.40 21.16
CA GLU C 45 -40.28 -44.96 19.86
C GLU C 45 -39.15 -44.98 18.85
N ASN C 46 -37.92 -44.91 19.37
CA ASN C 46 -36.72 -44.92 18.53
C ASN C 46 -36.93 -45.51 17.13
N LYS C 47 -36.23 -44.97 16.14
CA LYS C 47 -35.35 -43.86 16.40
C LYS C 47 -35.84 -43.25 17.71
N ASP C 48 -37.16 -43.17 17.85
CA ASP C 48 -37.78 -42.59 19.04
C ASP C 48 -37.08 -41.28 19.35
N VAL C 49 -36.81 -40.52 18.30
CA VAL C 49 -36.12 -39.27 18.45
C VAL C 49 -34.65 -39.63 18.33
N VAL C 50 -33.82 -38.66 17.95
CA VAL C 50 -32.40 -38.93 17.80
C VAL C 50 -31.57 -37.72 18.22
N GLN C 51 -32.20 -36.56 18.27
CA GLN C 51 -31.49 -35.35 18.65
C GLN C 51 -30.32 -35.09 17.72
N ALA C 52 -29.70 -33.93 17.89
CA ALA C 52 -28.56 -33.55 17.07
C ALA C 52 -28.20 -32.11 17.36
N THR C 53 -28.28 -31.74 18.63
CA THR C 53 -27.98 -30.39 19.08
C THR C 53 -26.75 -29.77 18.43
N THR C 54 -26.66 -28.44 18.52
CA THR C 54 -25.54 -27.71 17.96
C THR C 54 -25.21 -26.51 18.83
N THR C 55 -23.92 -26.19 18.92
CA THR C 55 -23.43 -24.96 19.53
C THR C 55 -22.29 -24.46 18.68
N VAL C 56 -21.82 -23.24 18.98
CA VAL C 56 -20.78 -22.64 18.17
C VAL C 56 -19.62 -23.61 18.04
N ASN C 57 -19.27 -23.96 16.81
CA ASN C 57 -18.11 -24.79 16.51
C ASN C 57 -18.19 -26.21 17.05
N THR C 58 -19.23 -26.56 17.80
CA THR C 58 -19.29 -27.91 18.35
C THR C 58 -20.68 -28.48 18.21
N THR C 59 -20.79 -29.59 17.50
CA THR C 59 -22.03 -30.33 17.40
C THR C 59 -22.04 -31.49 18.39
N ASN C 60 -23.21 -31.77 18.95
CA ASN C 60 -23.40 -32.91 19.85
C ASN C 60 -24.48 -33.80 19.26
N LEU C 61 -24.08 -34.97 18.79
CA LEU C 61 -25.00 -35.93 18.19
C LEU C 61 -25.29 -37.00 19.23
N THR C 62 -26.49 -37.01 19.78
CA THR C 62 -26.78 -37.98 20.83
C THR C 62 -28.02 -38.80 20.48
N GLN C 63 -27.92 -40.10 20.75
CA GLN C 63 -28.76 -41.13 20.14
C GLN C 63 -29.96 -41.56 20.99
N HIS C 64 -30.04 -41.18 22.25
CA HIS C 64 -31.11 -41.68 23.12
C HIS C 64 -31.56 -40.58 24.08
N PRO C 65 -32.38 -39.67 23.60
CA PRO C 65 -32.79 -38.53 24.43
C PRO C 65 -33.84 -38.95 25.45
N SER C 66 -34.06 -38.06 26.41
CA SER C 66 -35.13 -38.23 27.37
C SER C 66 -36.17 -37.14 27.23
N ALA C 67 -35.85 -35.91 27.63
CA ALA C 67 -36.85 -34.86 27.73
C ALA C 67 -36.23 -33.52 28.09
N PRO C 68 -36.82 -32.42 27.64
CA PRO C 68 -36.24 -31.10 27.95
C PRO C 68 -36.16 -30.79 29.44
N THR C 69 -37.25 -31.00 30.19
CA THR C 69 -37.26 -30.90 31.64
C THR C 69 -36.84 -29.49 32.11
N ILE C 70 -37.73 -28.55 31.87
CA ILE C 70 -37.56 -27.17 32.33
C ILE C 70 -38.28 -26.97 33.66
N PRO C 71 -37.72 -26.23 34.60
CA PRO C 71 -38.51 -25.78 35.76
C PRO C 71 -39.56 -24.75 35.37
N PHE C 72 -40.28 -24.21 36.34
CA PHE C 72 -41.49 -23.43 36.04
C PHE C 72 -41.30 -22.18 35.19
N THR C 73 -42.09 -22.09 34.10
CA THR C 73 -42.39 -20.90 33.31
C THR C 73 -41.19 -19.96 33.24
N PRO C 74 -40.12 -20.39 32.60
CA PRO C 74 -38.80 -19.81 32.89
C PRO C 74 -38.62 -18.38 32.43
N ASP C 75 -39.09 -18.03 31.23
CA ASP C 75 -39.10 -16.68 30.67
C ASP C 75 -37.84 -15.89 31.03
N PHE C 76 -36.70 -16.41 30.60
CA PHE C 76 -35.44 -15.95 31.14
C PHE C 76 -34.78 -14.94 30.20
N ARG C 77 -34.06 -13.99 30.79
CA ARG C 77 -33.58 -12.80 30.14
C ARG C 77 -32.10 -12.55 30.52
N ASN C 78 -31.34 -11.59 29.95
CA ASN C 78 -31.69 -10.27 29.32
C ASN C 78 -32.23 -9.20 30.31
N VAL C 79 -31.29 -8.72 31.10
CA VAL C 79 -31.53 -7.70 32.10
C VAL C 79 -32.80 -6.95 31.74
N ASP C 80 -33.61 -6.55 32.73
CA ASP C 80 -33.44 -6.79 34.17
C ASP C 80 -34.37 -5.88 34.94
N ASN C 81 -33.92 -4.65 35.20
CA ASN C 81 -32.61 -4.16 34.78
C ASN C 81 -31.53 -4.35 35.85
N PHE C 82 -31.73 -3.76 37.04
CA PHE C 82 -32.92 -3.00 37.35
C PHE C 82 -32.66 -1.65 37.98
N HIS C 83 -31.53 -1.03 37.69
CA HIS C 83 -30.50 -1.53 36.78
C HIS C 83 -29.36 -2.23 37.51
N SER C 84 -28.59 -3.01 36.77
CA SER C 84 -27.46 -3.75 37.32
C SER C 84 -26.14 -3.15 36.85
N MET C 85 -25.88 -1.92 37.25
CA MET C 85 -24.64 -1.26 36.85
C MET C 85 -24.73 -0.87 35.38
N ALA C 86 -25.61 0.08 35.11
CA ALA C 86 -25.87 0.61 33.76
C ALA C 86 -24.88 0.29 32.64
N TYR C 87 -23.65 -0.12 32.94
CA TYR C 87 -22.77 -0.39 31.83
C TYR C 87 -23.34 -1.53 30.99
N ASP C 88 -23.49 -1.29 29.69
CA ASP C 88 -23.92 -2.32 28.77
C ASP C 88 -23.14 -2.21 27.46
N ILE C 89 -22.52 -3.30 26.99
CA ILE C 89 -22.76 -4.65 27.52
C ILE C 89 -21.53 -5.44 28.10
N THR C 90 -20.42 -5.69 27.40
CA THR C 90 -19.91 -4.91 26.27
C THR C 90 -18.98 -5.82 25.44
N THR C 91 -18.52 -5.31 24.29
CA THR C 91 -17.73 -6.02 23.29
C THR C 91 -18.40 -7.36 22.99
N GLY C 92 -17.65 -8.47 22.96
CA GLY C 92 -16.28 -8.40 22.65
C GLY C 92 -16.48 -8.49 21.11
N ASP C 93 -17.53 -7.90 20.45
CA ASP C 93 -18.64 -7.03 21.00
C ASP C 93 -18.01 -5.94 21.90
N LYS C 94 -17.83 -5.74 23.24
CA LYS C 94 -17.14 -4.54 22.80
C LYS C 94 -15.94 -4.16 23.66
N ASN C 95 -15.69 -4.86 24.76
CA ASN C 95 -14.50 -4.57 25.54
C ASN C 95 -13.19 -4.75 24.79
N PRO C 96 -13.02 -5.73 23.90
CA PRO C 96 -11.69 -5.94 23.31
C PRO C 96 -11.15 -4.76 22.53
N SER C 97 -11.96 -3.79 22.15
CA SER C 97 -11.48 -2.71 21.31
C SER C 97 -11.69 -1.38 22.02
N LYS C 98 -10.60 -0.74 22.40
CA LYS C 98 -10.67 0.62 22.94
C LYS C 98 -9.27 1.19 22.96
N LEU C 99 -9.16 2.46 23.33
CA LEU C 99 -7.87 3.14 23.28
C LEU C 99 -6.91 2.53 24.29
N ILE C 100 -6.30 2.50 24.57
CA ILE C 100 -5.25 1.81 25.30
C ILE C 100 -3.98 2.64 25.21
N ARG C 101 -3.14 2.52 26.24
CA ARG C 101 -1.81 3.14 26.24
C ARG C 101 -0.79 2.20 25.59
N LEU C 102 0.21 2.78 24.91
CA LEU C 102 1.22 1.91 24.31
C LEU C 102 2.66 2.44 24.41
N ASP C 103 2.86 3.59 25.06
CA ASP C 103 4.12 4.31 24.90
C ASP C 103 4.89 4.69 26.15
N THR C 104 5.93 5.50 25.95
CA THR C 104 6.93 5.83 26.95
C THR C 104 7.57 7.20 26.76
N ALA C 105 8.68 7.38 27.47
CA ALA C 105 9.38 8.65 27.60
C ALA C 105 10.80 8.53 27.10
N SER C 106 11.20 9.50 26.28
CA SER C 106 12.59 9.81 26.01
C SER C 106 12.67 11.00 25.08
N TRP C 107 13.78 11.74 25.13
CA TRP C 107 13.94 12.92 24.30
C TRP C 107 15.34 13.51 24.51
N GLN C 108 15.35 14.84 24.51
CA GLN C 108 16.38 15.87 24.47
C GLN C 108 17.11 15.98 23.13
N THR C 109 18.35 16.41 23.20
CA THR C 109 19.07 16.90 22.04
C THR C 109 20.04 15.89 21.46
N SER C 110 20.18 14.74 22.09
CA SER C 110 21.11 13.73 21.59
C SER C 110 20.70 13.20 20.22
N TYR C 111 19.53 13.58 19.72
CA TYR C 111 18.96 13.00 18.52
C TYR C 111 19.06 13.99 17.37
N SER C 112 19.83 13.61 16.34
CA SER C 112 19.78 14.33 15.08
C SER C 112 18.48 14.02 14.36
N ARG C 113 18.11 14.88 13.41
CA ARG C 113 16.77 14.84 12.84
C ARG C 113 16.43 13.45 12.32
N GLN C 114 17.37 12.79 11.65
CA GLN C 114 17.05 11.53 11.01
C GLN C 114 17.14 10.36 11.99
N TYR C 115 17.52 10.64 13.23
CA TYR C 115 17.65 9.62 14.26
C TYR C 115 16.28 9.12 14.73
N LYS C 116 16.07 7.81 14.62
CA LYS C 116 14.82 7.18 15.02
C LYS C 116 14.37 7.65 16.40
N ILE C 117 13.12 7.32 16.75
CA ILE C 117 12.56 7.71 18.04
C ILE C 117 11.93 6.54 18.80
N THR C 118 10.63 6.35 18.61
CA THR C 118 9.90 5.30 19.29
C THR C 118 8.99 4.44 18.39
N THR C 119 9.47 3.26 18.03
CA THR C 119 8.73 2.32 17.20
C THR C 119 7.71 1.58 18.05
N VAL C 120 6.46 1.54 17.57
CA VAL C 120 5.38 0.84 18.24
C VAL C 120 5.02 -0.39 17.43
N GLU C 121 4.86 -1.50 18.14
CA GLU C 121 4.91 -2.83 17.56
C GLU C 121 3.65 -3.15 16.76
N LEU C 122 3.77 -4.19 15.96
CA LEU C 122 2.82 -4.78 15.05
C LEU C 122 1.59 -5.27 15.82
N PRO C 123 0.57 -5.88 15.15
CA PRO C 123 -0.63 -6.32 15.88
C PRO C 123 -0.36 -7.22 17.07
N LYS C 124 0.82 -7.80 17.17
CA LYS C 124 1.19 -8.53 18.38
C LYS C 124 1.08 -7.65 19.62
N SER C 125 1.14 -6.33 19.46
CA SER C 125 1.29 -5.46 20.61
C SER C 125 0.00 -5.25 21.39
N PHE C 126 -1.15 -5.66 20.86
CA PHE C 126 -2.31 -5.80 21.71
C PHE C 126 -2.34 -7.16 22.41
N TRP C 127 -1.88 -8.21 21.73
CA TRP C 127 -1.83 -9.54 22.33
C TRP C 127 -0.96 -9.55 23.57
N ASP C 128 0.32 -9.17 23.42
CA ASP C 128 1.24 -9.23 24.54
C ASP C 128 0.97 -8.14 25.56
N ASP C 129 0.19 -7.15 25.20
CA ASP C 129 -0.34 -6.23 26.20
C ASP C 129 -1.12 -7.06 27.21
N THR C 130 -0.97 -6.73 28.49
CA THR C 130 -1.50 -7.57 29.55
C THR C 130 -2.93 -7.23 29.92
N ARG C 131 -3.56 -6.34 29.19
CA ARG C 131 -4.90 -5.91 29.55
C ARG C 131 -6.09 -6.38 28.72
N LYS C 132 -6.52 -5.55 27.78
CA LYS C 132 -7.68 -5.85 26.97
C LYS C 132 -7.70 -7.17 26.17
N PRO C 133 -8.60 -7.23 25.12
CA PRO C 133 -8.62 -8.51 24.39
C PRO C 133 -7.27 -9.04 23.98
N ALA C 134 -6.48 -8.24 23.26
CA ALA C 134 -5.13 -8.62 22.78
C ALA C 134 -4.43 -9.55 23.77
N TYR C 135 -5.24 -10.13 24.66
CA TYR C 135 -4.77 -11.06 25.66
C TYR C 135 -5.79 -12.16 25.85
N GLY C 136 -6.99 -11.82 26.32
CA GLY C 136 -7.87 -12.95 26.52
C GLY C 136 -8.35 -13.68 25.26
N GLN C 137 -9.12 -12.99 24.44
CA GLN C 137 -9.68 -13.75 23.34
C GLN C 137 -8.61 -14.09 22.33
N ALA C 138 -7.75 -13.15 21.97
CA ALA C 138 -6.71 -13.53 21.04
C ALA C 138 -5.72 -14.49 21.66
N LYS C 139 -5.71 -14.66 22.97
CA LYS C 139 -4.90 -15.79 23.41
C LYS C 139 -5.65 -17.08 23.21
N TYR C 140 -6.95 -17.04 22.90
CA TYR C 140 -7.55 -18.24 22.29
C TYR C 140 -7.31 -18.36 20.78
N PHE C 141 -7.99 -17.54 19.99
CA PHE C 141 -8.00 -17.77 18.54
C PHE C 141 -6.69 -17.31 17.91
N ALA C 142 -6.40 -17.86 16.74
CA ALA C 142 -5.16 -17.54 16.05
C ALA C 142 -5.25 -16.49 14.95
N ALA C 143 -6.43 -16.10 14.51
CA ALA C 143 -6.55 -15.29 13.31
C ALA C 143 -7.21 -13.96 13.61
N VAL C 144 -6.65 -12.88 13.08
CA VAL C 144 -7.08 -11.53 13.38
C VAL C 144 -7.21 -10.76 12.08
N ARG C 145 -8.33 -10.06 11.92
CA ARG C 145 -8.46 -9.08 10.84
C ARG C 145 -9.21 -7.88 11.38
N CYS C 146 -8.55 -6.72 11.41
CA CYS C 146 -9.15 -5.55 12.03
C CYS C 146 -8.54 -4.27 11.49
N GLY C 147 -9.33 -3.21 11.50
CA GLY C 147 -8.84 -1.88 11.20
C GLY C 147 -8.03 -1.32 12.36
N PHE C 148 -7.61 -0.06 12.22
CA PHE C 148 -6.86 0.57 13.30
C PHE C 148 -7.13 2.06 13.36
N HIS C 149 -7.25 2.55 14.59
CA HIS C 149 -7.50 3.97 14.83
C HIS C 149 -6.53 4.44 15.90
N PHE C 150 -5.87 5.58 15.66
CA PHE C 150 -4.79 6.04 16.52
C PHE C 150 -4.97 7.50 16.90
N GLN C 151 -4.80 7.79 18.19
CA GLN C 151 -4.53 9.14 18.65
C GLN C 151 -3.13 9.16 19.25
N VAL C 152 -2.29 10.03 18.75
CA VAL C 152 -0.96 10.22 19.31
C VAL C 152 -0.93 11.54 20.05
N GLN C 153 -0.39 11.52 21.27
CA GLN C 153 -0.34 12.68 22.13
C GLN C 153 1.10 13.03 22.46
N VAL C 154 1.50 14.25 22.11
CA VAL C 154 2.74 14.86 22.56
C VAL C 154 2.43 16.27 23.00
N ASN C 155 2.63 16.56 24.27
CA ASN C 155 2.40 17.89 24.82
C ASN C 155 3.73 18.45 25.27
N VAL C 156 4.05 19.66 24.82
CA VAL C 156 5.26 20.31 25.27
C VAL C 156 4.86 21.47 26.15
N ASN C 157 5.85 22.14 26.72
CA ASN C 157 5.61 23.34 27.49
C ASN C 157 5.81 24.53 26.56
N GLN C 158 4.85 25.45 26.57
CA GLN C 158 4.82 26.54 25.61
C GLN C 158 6.14 27.29 25.59
N GLY C 159 6.49 27.80 24.40
CA GLY C 159 7.71 28.53 24.19
C GLY C 159 8.78 27.77 23.44
N THR C 160 8.53 26.52 23.08
CA THR C 160 9.50 25.71 22.36
C THR C 160 8.89 25.20 21.08
N ALA C 161 9.75 24.84 20.14
CA ALA C 161 9.28 24.34 18.86
C ALA C 161 10.19 23.22 18.38
N GLY C 162 9.55 22.18 17.87
CA GLY C 162 10.24 21.08 17.23
C GLY C 162 9.19 20.22 16.58
N SER C 163 9.53 19.47 15.56
CA SER C 163 8.53 18.71 14.84
C SER C 163 8.64 17.24 15.20
N ALA C 164 7.50 16.59 15.18
CA ALA C 164 7.47 15.15 15.28
C ALA C 164 6.85 14.59 14.01
N LEU C 165 7.28 13.40 13.63
CA LEU C 165 6.75 12.77 12.44
C LEU C 165 6.25 11.40 12.81
N VAL C 166 5.07 11.05 12.33
CA VAL C 166 4.47 9.75 12.61
C VAL C 166 4.09 9.12 11.29
N VAL C 167 4.69 7.96 11.01
CA VAL C 167 4.46 7.24 9.78
C VAL C 167 4.07 5.81 10.12
N TYR C 168 3.30 5.21 9.23
CA TYR C 168 2.82 3.85 9.40
C TYR C 168 3.31 2.88 8.32
N GLU C 169 4.60 2.54 8.31
CA GLU C 169 5.08 1.63 7.26
C GLU C 169 4.18 0.42 7.20
N PRO C 170 3.76 0.01 6.00
CA PRO C 170 2.89 -1.17 5.96
C PRO C 170 3.67 -2.38 5.46
N LYS C 171 4.53 -2.93 6.32
CA LYS C 171 5.31 -4.10 5.95
C LYS C 171 5.94 -4.09 4.56
N PRO C 172 6.98 -3.19 4.37
CA PRO C 172 7.58 -3.23 3.03
C PRO C 172 8.96 -3.86 3.17
N VAL C 173 9.01 -5.09 3.72
CA VAL C 173 10.27 -5.79 3.96
C VAL C 173 11.23 -4.81 4.61
N ILE C 174 10.70 -4.03 5.53
CA ILE C 174 11.48 -2.99 6.20
C ILE C 174 12.88 -3.01 5.62
N ASP C 175 13.10 -3.94 4.69
CA ASP C 175 14.41 -4.03 4.07
C ASP C 175 15.33 -3.13 4.89
N SER C 176 16.39 -2.62 4.26
CA SER C 176 17.31 -1.74 4.96
C SER C 176 16.88 -0.29 4.78
N ARG C 177 15.67 -0.11 4.25
CA ARG C 177 15.13 1.21 4.01
C ARG C 177 16.04 2.00 3.08
N GLN C 178 17.25 1.50 2.87
CA GLN C 178 18.19 2.20 2.03
C GLN C 178 18.34 3.63 2.51
N TYR C 179 19.52 4.22 2.33
CA TYR C 179 19.88 5.36 3.15
C TYR C 179 19.35 6.70 2.64
N LEU C 180 19.06 6.84 1.34
CA LEU C 180 18.61 8.13 0.81
C LEU C 180 17.09 8.20 0.64
N GLU C 181 16.36 7.20 1.11
CA GLU C 181 14.98 6.98 0.71
C GLU C 181 13.98 7.81 1.50
N PHE C 182 14.45 8.75 2.33
CA PHE C 182 13.61 9.38 3.35
C PHE C 182 12.34 9.99 2.76
N GLY C 183 12.44 10.60 1.58
CA GLY C 183 11.28 11.24 1.00
C GLY C 183 10.84 10.80 -0.38
N SER C 184 10.54 9.52 -0.58
CA SER C 184 10.60 8.47 0.44
C SER C 184 9.83 8.73 1.74
N LEU C 185 9.90 7.72 2.62
CA LEU C 185 9.26 7.68 3.94
C LEU C 185 8.21 8.74 4.16
N THR C 186 8.24 9.74 3.29
CA THR C 186 7.29 10.83 3.36
C THR C 186 6.11 10.70 2.42
N ASN C 187 6.04 9.66 1.58
CA ASN C 187 4.85 9.50 0.74
C ASN C 187 3.69 8.81 1.45
N LEU C 188 3.99 8.08 2.52
CA LEU C 188 3.02 7.27 3.25
C LEU C 188 1.91 7.94 4.05
N PRO C 189 0.88 7.16 4.38
CA PRO C 189 -0.22 7.71 5.17
C PRO C 189 0.36 8.26 6.46
N HIS C 190 0.91 9.47 6.41
CA HIS C 190 1.52 10.06 7.59
C HIS C 190 0.79 11.19 8.30
N VAL C 191 1.53 11.81 9.23
CA VAL C 191 1.09 12.92 10.06
C VAL C 191 2.29 13.64 10.63
N LEU C 192 2.30 14.95 10.43
CA LEU C 192 3.43 15.81 10.77
C LEU C 192 2.98 16.77 11.85
N MET C 193 3.45 16.56 13.08
CA MET C 193 3.04 17.38 14.21
C MET C 193 4.00 18.55 14.36
N ASN C 194 3.45 19.75 14.34
CA ASN C 194 4.18 20.95 14.70
C ASN C 194 3.88 21.21 16.17
N LEU C 195 4.85 20.97 17.04
CA LEU C 195 4.57 21.00 18.47
C LEU C 195 4.35 22.40 19.00
N ALA C 196 4.68 23.43 18.23
CA ALA C 196 4.38 24.78 18.67
C ALA C 196 2.91 24.94 19.00
N GLU C 197 2.04 24.28 18.23
CA GLU C 197 0.60 24.50 18.40
C GLU C 197 -0.14 23.21 18.71
N THR C 198 -0.34 22.36 17.72
CA THR C 198 -1.26 21.23 17.88
C THR C 198 -0.68 20.26 18.89
N THR C 199 -1.40 20.01 19.97
CA THR C 199 -0.87 19.20 21.04
C THR C 199 -1.21 17.73 20.91
N GLN C 200 -2.14 17.37 20.03
CA GLN C 200 -2.48 15.99 19.76
C GLN C 200 -2.59 15.81 18.25
N ALA C 201 -2.65 14.56 17.81
CA ALA C 201 -2.76 14.31 16.39
C ALA C 201 -3.56 13.05 16.17
N ASP C 202 -4.41 13.09 15.15
CA ASP C 202 -5.34 12.03 14.84
C ASP C 202 -4.85 11.24 13.64
N LEU C 203 -5.15 9.95 13.64
CA LEU C 203 -4.78 9.14 12.48
C LEU C 203 -5.70 7.94 12.39
N CYS C 204 -5.95 7.50 11.17
CA CYS C 204 -6.78 6.33 10.90
C CYS C 204 -6.09 5.48 9.86
N ILE C 205 -5.83 4.22 10.18
CA ILE C 205 -5.24 3.28 9.22
C ILE C 205 -6.21 2.15 8.96
N PRO C 206 -6.77 2.04 7.76
CA PRO C 206 -7.24 0.75 7.29
C PRO C 206 -6.02 -0.10 6.99
N TYR C 207 -6.04 -1.32 7.48
CA TYR C 207 -4.89 -2.19 7.31
C TYR C 207 -4.92 -2.74 5.90
N VAL C 208 -3.76 -2.88 5.29
CA VAL C 208 -3.62 -3.67 4.08
C VAL C 208 -2.40 -4.55 4.26
N ALA C 209 -2.55 -5.82 3.93
CA ALA C 209 -1.43 -6.75 3.95
C ALA C 209 -1.58 -7.70 2.79
N ASP C 210 -0.48 -8.38 2.48
CA ASP C 210 -0.47 -9.33 1.36
C ASP C 210 -1.56 -10.38 1.52
N THR C 211 -1.52 -11.12 2.61
CA THR C 211 -2.47 -12.19 2.83
C THR C 211 -3.82 -11.63 3.24
N ASN C 212 -4.84 -12.46 3.11
CA ASN C 212 -6.17 -12.05 3.51
C ASN C 212 -6.42 -12.20 5.00
N TYR C 213 -5.55 -12.91 5.71
CA TYR C 213 -5.54 -12.94 7.16
C TYR C 213 -4.10 -13.03 7.64
N VAL C 214 -3.91 -12.79 8.93
CA VAL C 214 -2.58 -12.70 9.50
C VAL C 214 -2.54 -13.45 10.82
N LYS C 215 -1.46 -14.19 11.05
CA LYS C 215 -1.35 -14.93 12.28
C LYS C 215 -1.32 -13.96 13.45
N THR C 216 -1.83 -14.40 14.60
CA THR C 216 -2.05 -13.46 15.69
C THR C 216 -0.78 -12.73 16.08
N ASP C 217 0.15 -13.39 16.76
CA ASP C 217 1.32 -12.68 17.25
C ASP C 217 2.51 -12.74 16.31
N SER C 218 2.47 -13.62 15.31
CA SER C 218 3.69 -13.92 14.56
C SER C 218 3.76 -13.08 13.29
N SER C 219 2.98 -13.45 12.28
CA SER C 219 2.88 -12.64 11.08
C SER C 219 2.14 -11.37 11.44
N ASP C 220 2.80 -10.23 11.23
CA ASP C 220 2.24 -8.94 11.58
C ASP C 220 1.90 -8.10 10.35
N LEU C 221 1.77 -6.80 10.53
CA LEU C 221 1.43 -5.94 9.40
C LEU C 221 1.94 -4.51 9.46
N GLY C 222 1.36 -3.68 10.32
CA GLY C 222 1.76 -2.31 10.38
C GLY C 222 2.60 -2.04 11.60
N GLN C 223 3.63 -1.20 11.43
CA GLN C 223 4.50 -0.85 12.53
C GLN C 223 4.55 0.66 12.62
N LEU C 224 4.06 1.22 13.72
CA LEU C 224 4.15 2.66 13.88
C LEU C 224 5.59 3.06 14.08
N ARG C 225 5.98 4.17 13.48
CA ARG C 225 7.25 4.75 13.83
C ARG C 225 7.09 6.25 13.97
N VAL C 226 7.48 6.76 15.13
CA VAL C 226 7.67 8.18 15.34
C VAL C 226 9.15 8.47 15.12
N TYR C 227 9.41 9.32 14.13
CA TYR C 227 10.71 9.88 13.82
C TYR C 227 10.76 11.34 14.22
N VAL C 228 11.91 11.79 14.67
CA VAL C 228 12.05 13.20 15.01
C VAL C 228 12.30 14.00 13.74
N TRP C 229 11.90 15.26 13.80
CA TRP C 229 12.05 16.20 12.69
C TRP C 229 12.36 17.52 13.37
N THR C 230 13.46 18.18 13.00
CA THR C 230 13.89 19.31 13.83
C THR C 230 14.13 18.90 15.27
N PRO C 231 15.31 18.41 15.61
CA PRO C 231 15.62 18.18 17.01
C PRO C 231 15.23 19.39 17.84
N LEU C 232 14.72 19.12 19.03
CA LEU C 232 13.94 20.10 19.77
C LEU C 232 14.79 21.28 20.23
N SER C 233 14.16 22.44 20.29
CA SER C 233 14.83 23.65 20.78
C SER C 233 14.65 23.78 22.28
N VAL C 234 15.70 24.24 22.95
CA VAL C 234 15.78 24.21 24.42
C VAL C 234 16.02 25.62 24.95
N PRO C 235 14.98 26.37 25.29
CA PRO C 235 15.21 27.66 25.93
C PRO C 235 15.78 27.44 27.31
N THR C 236 16.62 28.39 27.74
CA THR C 236 17.20 28.27 29.07
C THR C 236 16.49 29.19 30.07
N GLY C 237 15.72 28.58 30.97
CA GLY C 237 15.64 27.13 31.03
C GLY C 237 14.31 26.54 31.44
N ALA C 238 14.11 25.29 31.04
CA ALA C 238 12.84 24.59 31.14
C ALA C 238 13.12 23.10 31.08
N SER C 239 12.10 22.31 31.38
CA SER C 239 12.24 20.86 31.47
C SER C 239 12.84 20.30 30.18
N ASN C 240 13.61 19.23 30.34
CA ASN C 240 14.37 18.63 29.26
C ASN C 240 13.64 17.50 28.54
N GLU C 241 12.48 17.07 29.02
CA GLU C 241 11.83 15.89 28.47
C GLU C 241 10.34 16.13 28.29
N VAL C 242 9.88 16.03 27.05
CA VAL C 242 8.45 16.10 26.78
C VAL C 242 7.81 14.73 26.52
N ASP C 243 8.59 13.66 26.50
CA ASP C 243 8.21 12.25 26.27
C ASP C 243 7.29 12.05 25.07
N VAL C 244 6.48 10.98 25.07
CA VAL C 244 5.54 10.71 23.98
C VAL C 244 4.46 9.81 24.52
N THR C 245 3.30 9.77 23.86
CA THR C 245 2.31 8.74 24.11
C THR C 245 1.54 8.42 22.85
N VAL C 246 1.21 7.14 22.65
CA VAL C 246 0.16 6.79 21.70
C VAL C 246 -0.91 6.00 22.42
N MET C 247 -2.16 6.34 22.17
CA MET C 247 -3.30 5.60 22.66
C MET C 247 -4.11 5.15 21.45
N GLY C 248 -4.36 3.85 21.38
CA GLY C 248 -5.01 3.25 20.24
C GLY C 248 -6.45 2.85 20.52
N SER C 249 -7.13 2.50 19.43
CA SER C 249 -8.48 1.95 19.45
C SER C 249 -8.65 1.09 18.21
N LEU C 250 -9.53 0.10 18.31
CA LEU C 250 -9.69 -0.93 17.30
C LEU C 250 -11.11 -0.90 16.75
N LEU C 251 -11.23 -1.07 15.45
CA LEU C 251 -12.52 -1.01 14.79
C LEU C 251 -13.24 -2.34 14.93
N GLN C 252 -14.34 -2.51 14.19
CA GLN C 252 -15.08 -3.77 14.19
C GLN C 252 -14.13 -4.90 13.83
N LEU C 253 -14.06 -5.88 14.72
CA LEU C 253 -12.92 -6.76 14.81
C LEU C 253 -13.33 -8.21 14.71
N ASP C 254 -12.51 -9.02 14.05
CA ASP C 254 -12.82 -10.42 13.80
C ASP C 254 -11.68 -11.32 14.26
N PHE C 255 -12.00 -12.28 15.11
CA PHE C 255 -11.17 -13.44 15.31
C PHE C 255 -11.83 -14.62 14.63
N GLN C 256 -11.03 -15.56 14.16
CA GLN C 256 -11.56 -16.76 13.51
C GLN C 256 -10.60 -17.92 13.79
N ASN C 257 -10.92 -19.08 13.21
CA ASN C 257 -10.00 -20.22 13.13
C ASN C 257 -9.45 -20.64 14.48
N PRO C 258 -10.22 -21.31 15.32
CA PRO C 258 -9.71 -21.69 16.64
C PRO C 258 -8.53 -22.62 16.57
N ARG C 259 -7.97 -22.93 17.73
CA ARG C 259 -6.71 -23.62 17.99
C ARG C 259 -6.62 -23.78 19.49
N PRO C 260 -5.91 -24.77 19.99
CA PRO C 260 -5.87 -24.98 21.44
C PRO C 260 -5.21 -23.81 22.16
N TYR C 261 -5.21 -23.89 23.48
CA TYR C 261 -4.93 -22.73 24.32
C TYR C 261 -3.58 -22.10 24.05
N GLY C 262 -2.50 -22.76 24.45
CA GLY C 262 -1.19 -22.15 24.36
C GLY C 262 -0.65 -21.94 22.96
N GLU C 263 -0.52 -23.02 22.21
CA GLU C 263 0.19 -23.00 20.94
C GLU C 263 1.51 -22.25 21.03
#